data_3MLW
#
_entry.id   3MLW
#
_cell.length_a   98.924
_cell.length_b   82.312
_cell.length_c   149.830
_cell.angle_alpha   90.000
_cell.angle_beta   110.350
_cell.angle_gamma   90.000
#
_symmetry.space_group_name_H-M   'C 1 2 1'
#
loop_
_entity.id
_entity.type
_entity.pdbx_description
1 polymer 'Human monoclonal anti-HIV-1 gp120 V3 antibody 1006-15D Fab light chain'
2 polymer 'Human monoclonal anti-HIV-1 gp120 V3 antibody 1006-15D Fab heavy chain'
3 polymer 'HIV-1 gp120 third variable region (V3) crown'
4 non-polymer 'PHOSPHATE ION'
5 water water
#
loop_
_entity_poly.entity_id
_entity_poly.type
_entity_poly.pdbx_seq_one_letter_code
_entity_poly.pdbx_strand_id
1 'polypeptide(L)'
;QSVLTQPPSASGTPGQRVTISCSGNSSNIENNYVYWYQQLPGSTPKLLIFRDDQRPSGVPDRFSGSKSGTSASLAISGLR
SEDEADYYCASWDDSRGGPDYVFGTGTKVTVLGQPKANPTVTLFPPSSEELQANKATLVCLISDFYPGAVTVAWKADGSP
VKAGVETTKPSKQSNNKYAASSYLSLTPEQWKSHRSYSCQVTHEGSTVEKTVAPT
;
L,M
2 'polypeptide(L)'
;QVQLVQSGAEVKKAGESLEISCKGSGYTFTDHWIAWVRQVPGKGLEWMGMIYPGDSDTRYSPSLQGRVTMSADKTLSTAY
LQWSRLEASDTAMYYCARLHYSDRSGSYFNDVFHMWGQGTTVTVSSASTKGPSVFPLAPSSKSTSGGTAALGCLVKDYFP
EPVTVSWNSGALTSGVHTFPAVLQSSGLYSLSSVVTVPSSSLGTQTYICNVNHKPSNTKVDKKVEPKS
;
H,I
3 'polypeptide(L)' YNKRKRIHIGPGRAFYTTKNIIG P,Q
#
loop_
_chem_comp.id
_chem_comp.type
_chem_comp.name
_chem_comp.formula
PO4 non-polymer 'PHOSPHATE ION' 'O4 P -3'
#
# COMPACT_ATOMS: atom_id res chain seq x y z
N GLN A 1 -19.93 -17.80 8.74
CA GLN A 1 -21.32 -17.33 9.04
C GLN A 1 -21.62 -15.99 8.31
N SER A 2 -21.76 -14.89 9.09
CA SER A 2 -22.04 -13.50 8.65
C SER A 2 -22.56 -13.21 7.22
N VAL A 3 -23.86 -13.45 7.02
CA VAL A 3 -24.51 -13.35 5.71
C VAL A 3 -25.99 -12.96 5.92
N LEU A 4 -26.40 -11.79 5.42
CA LEU A 4 -27.82 -11.41 5.46
C LEU A 4 -28.58 -11.88 4.21
N THR A 5 -29.48 -12.85 4.37
CA THR A 5 -30.12 -13.53 3.22
C THR A 5 -31.34 -12.80 2.64
N GLN A 6 -31.24 -12.41 1.38
CA GLN A 6 -32.35 -11.76 0.67
C GLN A 6 -32.78 -12.59 -0.54
N PRO A 7 -34.10 -12.61 -0.84
CA PRO A 7 -34.53 -13.23 -2.10
C PRO A 7 -33.87 -12.56 -3.31
N PRO A 8 -33.36 -13.34 -4.27
CA PRO A 8 -32.63 -12.81 -5.45
C PRO A 8 -33.42 -11.76 -6.23
N SER A 9 -34.71 -12.02 -6.43
CA SER A 9 -35.58 -11.14 -7.19
C SER A 9 -36.95 -11.05 -6.56
N ALA A 10 -37.64 -9.93 -6.81
CA ALA A 10 -39.05 -9.75 -6.46
C ALA A 10 -39.73 -8.81 -7.44
N SER A 11 -41.06 -8.86 -7.49
CA SER A 11 -41.79 -8.18 -8.55
C SER A 11 -43.15 -7.61 -8.15
N GLY A 12 -43.59 -6.60 -8.91
CA GLY A 12 -44.93 -6.00 -8.73
C GLY A 12 -45.50 -5.30 -9.94
N THR A 13 -46.83 -5.33 -10.07
CA THR A 13 -47.52 -4.57 -11.12
C THR A 13 -47.41 -3.08 -10.77
N PRO A 14 -47.51 -2.19 -11.78
CA PRO A 14 -47.43 -0.76 -11.44
C PRO A 14 -48.54 -0.30 -10.50
N GLY A 15 -48.22 0.64 -9.61
CA GLY A 15 -49.18 1.12 -8.61
C GLY A 15 -49.42 0.16 -7.45
N GLN A 16 -48.97 -1.08 -7.61
CA GLN A 16 -49.07 -2.12 -6.59
C GLN A 16 -48.02 -1.91 -5.47
N ARG A 17 -47.75 -2.96 -4.69
CA ARG A 17 -46.81 -2.91 -3.54
C ARG A 17 -45.99 -4.21 -3.35
N VAL A 18 -44.67 -4.08 -3.30
CA VAL A 18 -43.77 -5.23 -3.12
C VAL A 18 -42.98 -5.11 -1.83
N THR A 19 -42.72 -6.25 -1.19
CA THR A 19 -41.86 -6.29 0.00
C THR A 19 -40.68 -7.25 -0.13
N ILE A 20 -39.55 -6.86 0.46
CA ILE A 20 -38.32 -7.65 0.43
C ILE A 20 -37.91 -8.09 1.84
N SER A 21 -37.69 -9.39 2.04
CA SER A 21 -37.24 -9.87 3.34
C SER A 21 -35.73 -9.74 3.45
N CYS A 22 -35.25 -9.75 4.68
CA CYS A 22 -33.82 -9.68 4.97
C CYS A 22 -33.63 -10.50 6.22
N SER A 23 -32.93 -11.62 6.10
CA SER A 23 -32.87 -12.56 7.18
C SER A 23 -31.46 -12.77 7.71
N GLY A 24 -31.32 -12.63 9.03
CA GLY A 24 -30.02 -12.77 9.69
C GLY A 24 -30.02 -13.52 11.00
N ASN A 25 -29.32 -12.94 11.98
CA ASN A 25 -28.92 -13.66 13.19
C ASN A 25 -29.09 -12.83 14.46
N SER A 26 -28.84 -13.45 15.61
CA SER A 26 -28.82 -12.70 16.88
C SER A 26 -27.59 -11.81 16.97
N SER A 27 -26.52 -12.21 16.27
CA SER A 27 -25.26 -11.45 16.21
C SER A 27 -25.37 -10.13 15.44
N ASN A 28 -26.41 -10.02 14.62
CA ASN A 28 -26.68 -8.80 13.85
C ASN A 28 -28.09 -8.24 14.09
N ILE A 29 -28.97 -8.39 13.11
CA ILE A 29 -30.23 -7.64 13.07
C ILE A 29 -31.13 -7.66 14.31
N GLU A 30 -31.15 -8.77 15.05
CA GLU A 30 -32.07 -8.87 16.19
C GLU A 30 -31.99 -7.67 17.12
N ASN A 31 -30.78 -7.35 17.60
CA ASN A 31 -30.60 -6.27 18.55
C ASN A 31 -29.98 -5.00 17.96
N ASN A 32 -29.31 -5.14 16.83
CA ASN A 32 -28.67 -4.03 16.13
C ASN A 32 -29.57 -3.33 15.10
N TYR A 33 -29.28 -2.04 14.86
CA TYR A 33 -29.95 -1.24 13.83
C TYR A 33 -29.87 -1.86 12.43
N VAL A 34 -30.84 -1.49 11.58
CA VAL A 34 -30.91 -1.91 10.18
C VAL A 34 -31.03 -0.69 9.23
N TYR A 35 -30.42 -0.83 8.05
CA TYR A 35 -30.42 0.22 7.01
C TYR A 35 -30.77 -0.40 5.65
N TRP A 36 -31.37 0.40 4.77
CA TRP A 36 -31.68 -0.07 3.41
C TRP A 36 -31.11 0.87 2.32
N TYR A 37 -30.65 0.25 1.22
CA TYR A 37 -30.06 1.00 0.10
C TYR A 37 -30.72 0.66 -1.23
N GLN A 38 -30.89 1.67 -2.08
CA GLN A 38 -31.38 1.49 -3.43
C GLN A 38 -30.22 1.75 -4.37
N GLN A 39 -30.01 0.88 -5.35
CA GLN A 39 -28.92 1.07 -6.31
C GLN A 39 -29.45 0.97 -7.73
N LEU A 40 -29.55 2.11 -8.40
CA LEU A 40 -30.03 2.14 -9.77
C LEU A 40 -28.92 1.72 -10.72
N PRO A 41 -29.28 1.07 -11.86
CA PRO A 41 -28.24 0.58 -12.78
C PRO A 41 -27.24 1.67 -13.13
N GLY A 42 -25.97 1.40 -12.86
CA GLY A 42 -24.89 2.31 -13.23
C GLY A 42 -24.53 3.34 -12.18
N SER A 43 -25.24 3.35 -11.05
CA SER A 43 -25.16 4.46 -10.10
C SER A 43 -24.86 4.15 -8.63
N THR A 44 -24.54 5.22 -7.90
CA THR A 44 -24.16 5.22 -6.49
C THR A 44 -25.33 4.87 -5.60
N PRO A 45 -25.11 3.97 -4.63
CA PRO A 45 -26.21 3.59 -3.72
C PRO A 45 -26.75 4.80 -2.96
N LYS A 46 -28.06 4.79 -2.76
CA LYS A 46 -28.73 5.83 -2.01
C LYS A 46 -29.35 5.23 -0.76
N LEU A 47 -29.16 5.90 0.36
CA LEU A 47 -29.72 5.50 1.65
C LEU A 47 -31.21 5.83 1.65
N LEU A 48 -32.04 4.82 1.89
CA LEU A 48 -33.49 4.95 1.92
C LEU A 48 -34.06 5.00 3.33
N ILE A 49 -33.50 4.18 4.21
CA ILE A 49 -33.92 4.14 5.62
C ILE A 49 -32.77 3.77 6.55
N PHE A 50 -32.83 4.32 7.77
CA PHE A 50 -31.84 4.10 8.80
C PHE A 50 -32.49 3.82 10.15
N ARG A 51 -31.77 3.10 11.00
CA ARG A 51 -32.24 2.70 12.33
C ARG A 51 -33.64 2.05 12.27
N ASP A 52 -33.75 1.02 11.44
CA ASP A 52 -34.96 0.19 11.24
C ASP A 52 -36.03 0.80 10.32
N ASP A 53 -36.46 2.02 10.62
CA ASP A 53 -37.65 2.58 9.96
C ASP A 53 -37.67 4.09 9.74
N GLN A 54 -36.54 4.77 9.91
CA GLN A 54 -36.53 6.21 9.66
C GLN A 54 -35.97 6.53 8.27
N ARG A 55 -36.63 7.44 7.56
CA ARG A 55 -36.19 7.80 6.21
C ARG A 55 -35.62 9.21 6.13
N PRO A 56 -34.42 9.37 5.52
CA PRO A 56 -33.81 10.70 5.45
C PRO A 56 -34.73 11.68 4.74
N SER A 57 -34.62 12.95 5.06
CA SER A 57 -35.45 13.96 4.43
C SER A 57 -35.09 14.04 2.95
N GLY A 58 -36.11 13.93 2.10
CA GLY A 58 -35.92 13.83 0.66
C GLY A 58 -36.45 12.50 0.13
N VAL A 59 -36.80 11.60 1.05
CA VAL A 59 -37.29 10.28 0.68
C VAL A 59 -38.79 10.17 0.96
N PRO A 60 -39.58 9.83 -0.09
CA PRO A 60 -41.02 9.59 -0.01
C PRO A 60 -41.40 8.62 1.11
N ASP A 61 -42.66 8.67 1.55
CA ASP A 61 -43.14 7.78 2.62
C ASP A 61 -43.75 6.46 2.12
N ARG A 62 -43.56 6.19 0.83
CA ARG A 62 -43.97 4.90 0.25
C ARG A 62 -42.88 3.84 0.45
N PHE A 63 -41.69 4.31 0.82
CA PHE A 63 -40.64 3.43 1.34
C PHE A 63 -40.81 3.35 2.84
N SER A 64 -40.93 2.12 3.34
CA SER A 64 -41.33 1.87 4.70
C SER A 64 -40.55 0.68 5.24
N GLY A 65 -39.96 0.84 6.42
CA GLY A 65 -39.12 -0.20 7.00
C GLY A 65 -39.70 -0.82 8.25
N SER A 66 -39.52 -2.13 8.38
CA SER A 66 -39.99 -2.85 9.55
C SER A 66 -38.95 -3.87 9.93
N LYS A 67 -38.97 -4.27 11.20
CA LYS A 67 -38.09 -5.32 11.71
C LYS A 67 -38.75 -6.01 12.87
N SER A 68 -38.70 -7.33 12.87
CA SER A 68 -39.10 -8.09 14.04
C SER A 68 -38.27 -9.35 14.12
N GLY A 69 -37.69 -9.53 15.30
CA GLY A 69 -36.82 -10.66 15.60
C GLY A 69 -35.57 -10.79 14.76
N THR A 70 -35.41 -11.96 14.19
CA THR A 70 -34.22 -12.31 13.44
C THR A 70 -34.27 -11.79 11.98
N SER A 71 -35.32 -11.05 11.62
CA SER A 71 -35.49 -10.58 10.23
C SER A 71 -36.10 -9.17 10.06
N ALA A 72 -36.10 -8.66 8.82
CA ALA A 72 -36.58 -7.31 8.50
C ALA A 72 -37.15 -7.19 7.07
N SER A 73 -37.93 -6.14 6.81
CA SER A 73 -38.65 -5.96 5.54
C SER A 73 -38.63 -4.54 5.01
N LEU A 74 -38.58 -4.42 3.69
CA LEU A 74 -38.68 -3.13 3.02
C LEU A 74 -39.97 -3.08 2.21
N ALA A 75 -40.90 -2.23 2.65
CA ALA A 75 -42.16 -2.07 1.94
C ALA A 75 -42.02 -0.97 0.89
N ILE A 76 -42.29 -1.32 -0.37
CA ILE A 76 -42.39 -0.33 -1.44
C ILE A 76 -43.83 -0.17 -1.94
N SER A 77 -44.47 0.93 -1.55
CA SER A 77 -45.84 1.23 -1.99
C SER A 77 -45.89 2.13 -3.21
N GLY A 78 -46.94 1.98 -4.00
CA GLY A 78 -47.21 2.86 -5.14
C GLY A 78 -46.17 2.65 -6.21
N LEU A 79 -46.01 1.38 -6.60
CA LEU A 79 -44.87 0.94 -7.40
C LEU A 79 -44.77 1.60 -8.77
N ARG A 80 -43.66 2.33 -8.97
CA ARG A 80 -43.41 3.10 -10.18
C ARG A 80 -42.27 2.45 -10.97
N SER A 81 -42.24 2.69 -12.28
CA SER A 81 -41.16 2.18 -13.13
C SER A 81 -39.75 2.68 -12.75
N GLU A 82 -39.67 3.81 -12.03
CA GLU A 82 -38.38 4.34 -11.55
C GLU A 82 -37.89 3.72 -10.24
N ASP A 83 -38.74 2.91 -9.61
CA ASP A 83 -38.33 2.15 -8.43
C ASP A 83 -37.57 0.88 -8.84
N GLU A 84 -37.47 0.67 -10.14
CA GLU A 84 -36.88 -0.55 -10.70
C GLU A 84 -35.36 -0.52 -10.49
N ALA A 85 -34.90 -1.28 -9.50
CA ALA A 85 -33.51 -1.21 -9.05
C ALA A 85 -33.11 -2.40 -8.19
N ASP A 86 -31.87 -2.37 -7.71
CA ASP A 86 -31.36 -3.34 -6.74
C ASP A 86 -31.50 -2.83 -5.30
N TYR A 87 -32.02 -3.67 -4.42
CA TYR A 87 -32.19 -3.30 -3.00
C TYR A 87 -31.38 -4.17 -2.04
N TYR A 88 -30.61 -3.51 -1.18
CA TYR A 88 -29.75 -4.15 -0.18
C TYR A 88 -30.10 -3.72 1.22
N CYS A 89 -30.21 -4.69 2.12
CA CYS A 89 -30.29 -4.39 3.56
C CYS A 89 -28.88 -4.42 4.14
N ALA A 90 -28.78 -4.04 5.42
CA ALA A 90 -27.51 -3.97 6.13
C ALA A 90 -27.76 -3.74 7.61
N SER A 91 -26.73 -4.00 8.42
CA SER A 91 -26.71 -3.77 9.86
C SER A 91 -25.30 -4.05 10.38
N TRP A 92 -25.16 -4.07 11.71
CA TRP A 92 -23.88 -4.31 12.36
C TRP A 92 -23.82 -5.71 12.96
N ASP A 93 -22.78 -6.46 12.62
CA ASP A 93 -22.55 -7.74 13.27
C ASP A 93 -21.47 -7.58 14.35
N ASP A 94 -21.73 -8.15 15.51
CA ASP A 94 -20.79 -8.07 16.65
C ASP A 94 -20.23 -9.42 17.14
N SER A 95 -20.26 -10.46 16.27
CA SER A 95 -19.63 -11.76 16.55
C SER A 95 -18.23 -11.57 17.11
N ARG A 96 -17.55 -10.52 16.64
CA ARG A 96 -16.23 -10.15 17.12
C ARG A 96 -16.32 -8.91 18.02
N GLY A 97 -15.20 -8.46 18.59
CA GLY A 97 -15.24 -7.43 19.65
C GLY A 97 -15.52 -6.00 19.20
N GLY A 98 -16.16 -5.87 18.05
CA GLY A 98 -16.30 -4.57 17.41
C GLY A 98 -17.43 -4.51 16.40
N PRO A 99 -17.65 -3.31 15.84
CA PRO A 99 -18.72 -2.97 14.92
C PRO A 99 -18.41 -3.21 13.44
N ASP A 100 -18.75 -4.41 12.96
CA ASP A 100 -18.64 -4.78 11.55
C ASP A 100 -19.94 -4.44 10.83
N TYR A 101 -19.83 -3.82 9.66
CA TYR A 101 -20.99 -3.56 8.81
C TYR A 101 -21.12 -4.74 7.88
N VAL A 102 -22.35 -5.06 7.49
CA VAL A 102 -22.63 -6.19 6.60
C VAL A 102 -23.80 -5.82 5.72
N PHE A 103 -23.70 -6.10 4.43
CA PHE A 103 -24.79 -5.89 3.50
C PHE A 103 -25.46 -7.22 3.19
N GLY A 104 -26.78 -7.18 3.00
CA GLY A 104 -27.52 -8.33 2.47
C GLY A 104 -27.12 -8.74 1.05
N THR A 105 -27.59 -9.90 0.63
CA THR A 105 -27.19 -10.50 -0.65
C THR A 105 -27.68 -9.73 -1.87
N GLY A 106 -28.82 -9.04 -1.72
CA GLY A 106 -29.35 -8.18 -2.77
C GLY A 106 -30.63 -8.69 -3.38
N THR A 107 -31.50 -7.76 -3.78
CA THR A 107 -32.80 -8.09 -4.36
C THR A 107 -33.10 -7.20 -5.54
N LYS A 108 -33.35 -7.85 -6.68
CA LYS A 108 -33.66 -7.20 -7.94
C LYS A 108 -35.17 -6.99 -8.06
N VAL A 109 -35.58 -5.72 -8.13
CA VAL A 109 -37.00 -5.38 -8.21
C VAL A 109 -37.33 -4.96 -9.63
N THR A 110 -38.18 -5.73 -10.32
CA THR A 110 -38.64 -5.31 -11.64
C THR A 110 -40.11 -4.88 -11.56
N VAL A 111 -40.41 -3.77 -12.24
CA VAL A 111 -41.78 -3.27 -12.34
C VAL A 111 -42.38 -3.80 -13.63
N LEU A 112 -43.34 -4.72 -13.48
CA LEU A 112 -44.00 -5.38 -14.60
C LEU A 112 -44.40 -4.39 -15.72
N GLY A 113 -43.79 -4.58 -16.89
CA GLY A 113 -44.14 -3.83 -18.09
C GLY A 113 -44.79 -4.71 -19.15
N GLN A 114 -44.96 -6.00 -18.81
CA GLN A 114 -45.53 -7.03 -19.69
C GLN A 114 -45.99 -8.24 -18.87
N PRO A 115 -46.42 -9.33 -19.53
CA PRO A 115 -46.79 -10.50 -18.71
C PRO A 115 -45.60 -11.43 -18.43
N LYS A 116 -45.68 -12.15 -17.32
CA LYS A 116 -44.62 -13.09 -16.92
C LYS A 116 -44.44 -14.21 -17.95
N ALA A 117 -43.21 -14.73 -18.06
CA ALA A 117 -42.92 -15.88 -18.93
C ALA A 117 -41.77 -16.69 -18.35
N ASN A 118 -41.96 -18.00 -18.21
CA ASN A 118 -40.89 -18.93 -17.81
C ASN A 118 -39.90 -19.20 -18.95
N PRO A 119 -38.62 -19.47 -18.59
CA PRO A 119 -37.57 -19.65 -19.59
C PRO A 119 -37.51 -21.04 -20.24
N THR A 120 -36.93 -21.07 -21.46
CA THR A 120 -36.63 -22.31 -22.18
C THR A 120 -35.11 -22.57 -22.19
N VAL A 121 -34.73 -23.82 -21.92
CA VAL A 121 -33.32 -24.18 -21.78
C VAL A 121 -32.88 -25.12 -22.89
N THR A 122 -31.74 -24.81 -23.49
CA THR A 122 -31.04 -25.75 -24.35
C THR A 122 -29.61 -25.92 -23.82
N LEU A 123 -29.21 -27.18 -23.62
CA LEU A 123 -27.90 -27.48 -23.04
C LEU A 123 -27.06 -28.34 -23.98
N PHE A 124 -25.92 -27.80 -24.42
CA PHE A 124 -24.97 -28.54 -25.26
C PHE A 124 -23.86 -29.15 -24.41
N PRO A 125 -23.51 -30.43 -24.68
CA PRO A 125 -22.39 -31.08 -24.02
C PRO A 125 -21.08 -30.71 -24.72
N PRO A 126 -19.93 -31.15 -24.18
CA PRO A 126 -18.66 -30.82 -24.84
C PRO A 126 -18.60 -31.55 -26.14
N SER A 127 -17.99 -30.94 -27.14
CA SER A 127 -17.86 -31.53 -28.45
C SER A 127 -16.69 -32.49 -28.47
N SER A 128 -16.73 -33.44 -29.41
CA SER A 128 -15.61 -34.35 -29.62
C SER A 128 -14.30 -33.62 -29.71
N GLU A 129 -14.27 -32.54 -30.49
CA GLU A 129 -13.02 -31.83 -30.76
C GLU A 129 -12.46 -31.03 -29.58
N GLU A 130 -13.33 -30.55 -28.68
CA GLU A 130 -12.87 -29.96 -27.43
C GLU A 130 -12.29 -31.04 -26.50
N LEU A 131 -12.89 -32.23 -26.54
CA LEU A 131 -12.37 -33.35 -25.77
C LEU A 131 -10.98 -33.73 -26.23
N GLN A 132 -10.76 -33.72 -27.55
CA GLN A 132 -9.46 -34.07 -28.12
C GLN A 132 -8.38 -33.09 -27.70
N ALA A 133 -8.78 -31.83 -27.53
CA ALA A 133 -7.88 -30.77 -27.07
C ALA A 133 -7.70 -30.80 -25.54
N ASN A 134 -8.22 -31.86 -24.93
CA ASN A 134 -8.17 -32.09 -23.49
C ASN A 134 -8.76 -30.96 -22.67
N LYS A 135 -9.94 -30.52 -23.11
CA LYS A 135 -10.73 -29.54 -22.37
C LYS A 135 -12.20 -29.91 -22.49
N ALA A 136 -13.01 -29.43 -21.56
CA ALA A 136 -14.46 -29.67 -21.60
C ALA A 136 -15.25 -28.49 -21.02
N THR A 137 -16.37 -28.20 -21.66
CA THR A 137 -17.25 -27.10 -21.30
C THR A 137 -18.70 -27.47 -21.61
N LEU A 138 -19.60 -27.22 -20.67
CA LEU A 138 -21.03 -27.37 -20.92
C LEU A 138 -21.65 -25.99 -21.10
N VAL A 139 -22.35 -25.78 -22.22
CA VAL A 139 -22.99 -24.49 -22.48
C VAL A 139 -24.52 -24.58 -22.27
N CYS A 140 -25.02 -23.81 -21.31
CA CYS A 140 -26.45 -23.79 -21.00
C CYS A 140 -27.08 -22.48 -21.49
N LEU A 141 -28.04 -22.60 -22.41
CA LEU A 141 -28.71 -21.42 -22.97
C LEU A 141 -30.14 -21.20 -22.47
N ILE A 142 -30.34 -20.04 -21.86
CA ILE A 142 -31.59 -19.68 -21.18
C ILE A 142 -32.25 -18.56 -21.96
N SER A 143 -33.47 -18.79 -22.46
CA SER A 143 -34.11 -17.80 -23.34
C SER A 143 -35.63 -17.62 -23.17
N ASP A 144 -36.09 -16.46 -23.68
CA ASP A 144 -37.48 -15.99 -23.61
C ASP A 144 -38.19 -16.16 -22.26
N PHE A 145 -37.70 -15.41 -21.27
CA PHE A 145 -38.31 -15.27 -19.94
C PHE A 145 -38.53 -13.79 -19.56
N TYR A 146 -39.50 -13.56 -18.69
CA TYR A 146 -39.72 -12.26 -18.07
C TYR A 146 -40.30 -12.49 -16.69
N PRO A 147 -39.82 -11.75 -15.68
CA PRO A 147 -38.83 -10.66 -15.76
C PRO A 147 -37.40 -11.15 -15.96
N GLY A 148 -36.49 -10.22 -16.23
CA GLY A 148 -35.11 -10.55 -16.56
C GLY A 148 -34.23 -10.91 -15.39
N ALA A 149 -34.65 -11.93 -14.64
CA ALA A 149 -33.90 -12.36 -13.46
C ALA A 149 -34.03 -13.86 -13.21
N VAL A 150 -32.92 -14.58 -13.30
CA VAL A 150 -32.89 -16.02 -13.05
C VAL A 150 -31.74 -16.40 -12.13
N THR A 151 -31.88 -17.54 -11.46
CA THR A 151 -30.76 -18.16 -10.77
C THR A 151 -30.48 -19.45 -11.52
N VAL A 152 -29.21 -19.68 -11.81
CA VAL A 152 -28.81 -20.90 -12.50
C VAL A 152 -28.04 -21.77 -11.52
N ALA A 153 -28.24 -23.08 -11.59
CA ALA A 153 -27.49 -23.99 -10.71
C ALA A 153 -27.19 -25.29 -11.43
N TRP A 154 -25.93 -25.71 -11.32
CA TRP A 154 -25.46 -26.92 -11.96
C TRP A 154 -25.34 -28.07 -10.98
N LYS A 155 -25.56 -29.28 -11.47
CA LYS A 155 -25.36 -30.47 -10.65
C LYS A 155 -24.61 -31.59 -11.37
N ALA A 156 -23.61 -32.13 -10.68
CA ALA A 156 -23.00 -33.40 -11.05
C ALA A 156 -23.82 -34.54 -10.45
N ASP A 157 -24.30 -35.43 -11.31
CA ASP A 157 -25.14 -36.55 -10.91
C ASP A 157 -26.47 -36.07 -10.29
N GLY A 158 -26.37 -35.43 -9.13
CA GLY A 158 -27.53 -34.86 -8.44
C GLY A 158 -27.10 -33.95 -7.31
N SER A 159 -25.83 -33.56 -7.31
CA SER A 159 -25.27 -32.71 -6.27
C SER A 159 -24.70 -31.40 -6.84
N PRO A 160 -24.84 -30.30 -6.08
CA PRO A 160 -24.35 -29.02 -6.57
C PRO A 160 -22.86 -29.00 -6.96
N VAL A 161 -22.52 -28.09 -7.87
CA VAL A 161 -21.14 -27.85 -8.28
C VAL A 161 -21.04 -26.34 -8.43
N LYS A 162 -20.06 -25.71 -7.79
CA LYS A 162 -19.87 -24.27 -7.94
C LYS A 162 -18.52 -23.90 -8.53
N ALA A 163 -17.71 -24.91 -8.82
CA ALA A 163 -16.39 -24.70 -9.41
C ALA A 163 -16.49 -24.40 -10.90
N GLY A 164 -15.87 -23.30 -11.31
CA GLY A 164 -15.74 -22.96 -12.72
C GLY A 164 -17.05 -22.62 -13.43
N VAL A 165 -17.95 -21.98 -12.71
CA VAL A 165 -19.18 -21.52 -13.31
C VAL A 165 -19.17 -20.02 -13.49
N GLU A 166 -19.57 -19.58 -14.68
CA GLU A 166 -19.89 -18.17 -14.84
C GLU A 166 -21.18 -18.01 -15.63
N THR A 167 -21.90 -16.94 -15.32
CA THR A 167 -23.20 -16.69 -15.90
C THR A 167 -23.22 -15.25 -16.37
N THR A 168 -23.96 -14.97 -17.45
CA THR A 168 -24.09 -13.63 -17.97
C THR A 168 -25.30 -12.90 -17.39
N LYS A 169 -25.25 -11.56 -17.35
CA LYS A 169 -26.40 -10.73 -16.96
C LYS A 169 -27.42 -10.90 -18.07
N PRO A 170 -28.70 -11.10 -17.72
CA PRO A 170 -29.70 -11.19 -18.78
C PRO A 170 -29.88 -9.86 -19.53
N SER A 171 -30.15 -9.96 -20.82
CA SER A 171 -30.42 -8.81 -21.66
C SER A 171 -31.60 -9.08 -22.60
N LYS A 172 -32.04 -8.05 -23.30
CA LYS A 172 -33.33 -8.01 -23.99
C LYS A 172 -33.20 -8.39 -25.47
N GLN A 173 -34.29 -8.84 -26.09
CA GLN A 173 -34.20 -9.50 -27.41
C GLN A 173 -35.23 -9.07 -28.48
N SER A 174 -35.29 -9.85 -29.56
CA SER A 174 -36.25 -9.67 -30.67
C SER A 174 -37.52 -10.48 -30.43
N ASN A 175 -37.97 -10.46 -29.17
CA ASN A 175 -39.31 -10.88 -28.77
C ASN A 175 -39.61 -10.15 -27.46
N ASN A 176 -38.80 -9.12 -27.23
CA ASN A 176 -38.79 -8.29 -26.01
C ASN A 176 -38.80 -9.05 -24.69
N LYS A 177 -38.12 -10.20 -24.69
CA LYS A 177 -37.95 -11.01 -23.51
C LYS A 177 -36.45 -11.15 -23.28
N TYR A 178 -36.05 -11.67 -22.12
CA TYR A 178 -34.64 -11.72 -21.76
C TYR A 178 -33.99 -13.07 -22.06
N ALA A 179 -32.68 -13.05 -22.29
CA ALA A 179 -31.90 -14.27 -22.45
C ALA A 179 -30.53 -14.16 -21.78
N ALA A 180 -29.99 -15.30 -21.36
CA ALA A 180 -28.68 -15.38 -20.73
C ALA A 180 -28.01 -16.70 -21.03
N SER A 181 -26.76 -16.83 -20.60
CA SER A 181 -25.98 -18.03 -20.86
C SER A 181 -25.16 -18.41 -19.64
N SER A 182 -25.02 -19.71 -19.40
CA SER A 182 -24.20 -20.17 -18.28
C SER A 182 -23.23 -21.25 -18.74
N TYR A 183 -22.02 -21.19 -18.22
CA TYR A 183 -20.95 -22.11 -18.61
C TYR A 183 -20.45 -22.91 -17.41
N LEU A 184 -20.24 -24.21 -17.60
CA LEU A 184 -19.59 -25.06 -16.61
C LEU A 184 -18.27 -25.59 -17.13
N SER A 185 -17.20 -25.35 -16.38
CA SER A 185 -15.86 -25.76 -16.80
C SER A 185 -15.39 -27.09 -16.17
N LEU A 186 -14.99 -28.04 -17.01
CA LEU A 186 -14.63 -29.38 -16.54
C LEU A 186 -13.38 -29.96 -17.18
N THR A 187 -12.86 -31.04 -16.59
CA THR A 187 -11.82 -31.85 -17.23
C THR A 187 -12.49 -33.03 -17.94
N PRO A 188 -11.93 -33.48 -19.08
CA PRO A 188 -12.48 -34.69 -19.74
C PRO A 188 -12.66 -35.85 -18.75
N GLU A 189 -11.81 -35.86 -17.72
CA GLU A 189 -11.90 -36.81 -16.64
C GLU A 189 -13.25 -36.68 -15.93
N GLN A 190 -13.49 -35.51 -15.32
CA GLN A 190 -14.76 -35.21 -14.65
C GLN A 190 -15.95 -35.57 -15.52
N TRP A 191 -15.97 -35.09 -16.75
CA TRP A 191 -17.07 -35.32 -17.67
C TRP A 191 -17.35 -36.79 -17.86
N LYS A 192 -16.32 -37.54 -18.21
CA LYS A 192 -16.40 -38.98 -18.41
C LYS A 192 -16.84 -39.75 -17.16
N SER A 193 -16.40 -39.29 -15.98
CA SER A 193 -16.57 -39.98 -14.68
C SER A 193 -18.00 -40.13 -14.19
N HIS A 194 -18.79 -39.07 -14.32
CA HIS A 194 -20.10 -38.98 -13.71
C HIS A 194 -21.21 -39.53 -14.61
N ARG A 195 -22.39 -39.74 -14.02
CA ARG A 195 -23.54 -40.23 -14.76
C ARG A 195 -24.07 -39.12 -15.63
N SER A 196 -24.38 -38.00 -15.00
CA SER A 196 -24.92 -36.86 -15.70
C SER A 196 -24.37 -35.55 -15.14
N TYR A 197 -24.54 -34.50 -15.92
CA TYR A 197 -24.51 -33.15 -15.40
C TYR A 197 -25.85 -32.48 -15.79
N SER A 198 -26.33 -31.58 -14.95
CA SER A 198 -27.59 -30.86 -15.23
C SER A 198 -27.40 -29.36 -15.09
N CYS A 199 -28.05 -28.61 -15.97
CA CYS A 199 -28.18 -27.15 -15.81
C CYS A 199 -29.60 -26.87 -15.35
N GLN A 200 -29.74 -26.06 -14.31
CA GLN A 200 -31.01 -25.91 -13.59
C GLN A 200 -31.31 -24.43 -13.32
N VAL A 201 -32.50 -23.98 -13.74
CA VAL A 201 -32.81 -22.54 -13.70
C VAL A 201 -34.12 -22.19 -13.02
N THR A 202 -33.99 -21.43 -11.93
CA THR A 202 -35.08 -20.96 -11.11
C THR A 202 -35.49 -19.56 -11.52
N HIS A 203 -36.80 -19.34 -11.66
CA HIS A 203 -37.37 -18.06 -12.12
C HIS A 203 -38.73 -17.83 -11.47
N GLU A 204 -38.87 -16.73 -10.73
CA GLU A 204 -40.09 -16.46 -9.95
C GLU A 204 -40.76 -17.77 -9.46
N GLY A 205 -40.01 -18.54 -8.66
CA GLY A 205 -40.53 -19.74 -8.01
C GLY A 205 -40.70 -21.01 -8.83
N SER A 206 -40.39 -20.96 -10.13
CA SER A 206 -40.45 -22.16 -11.00
C SER A 206 -39.06 -22.62 -11.41
N THR A 207 -38.85 -23.93 -11.42
CA THR A 207 -37.54 -24.49 -11.79
C THR A 207 -37.64 -25.36 -13.03
N VAL A 208 -36.75 -25.14 -13.97
CA VAL A 208 -36.64 -25.93 -15.18
C VAL A 208 -35.31 -26.65 -15.16
N GLU A 209 -35.28 -27.86 -15.69
CA GLU A 209 -34.04 -28.61 -15.70
C GLU A 209 -33.80 -29.37 -16.99
N LYS A 210 -32.57 -29.26 -17.48
CA LYS A 210 -32.11 -29.97 -18.66
C LYS A 210 -30.82 -30.72 -18.28
N THR A 211 -30.63 -31.89 -18.86
CA THR A 211 -29.61 -32.79 -18.36
C THR A 211 -28.86 -33.55 -19.49
N VAL A 212 -27.58 -33.82 -19.27
CA VAL A 212 -26.70 -34.45 -20.27
C VAL A 212 -25.78 -35.51 -19.69
N ALA A 213 -25.51 -36.54 -20.50
CA ALA A 213 -24.64 -37.65 -20.13
C ALA A 213 -23.62 -37.97 -21.23
N PRO A 214 -22.41 -38.44 -20.83
CA PRO A 214 -21.28 -38.64 -21.74
C PRO A 214 -21.41 -39.74 -22.82
N THR A 215 -22.51 -40.47 -22.84
CA THR A 215 -22.67 -41.62 -23.77
C THR A 215 -22.56 -41.23 -25.26
N GLN B 1 -22.05 22.72 1.46
CA GLN B 1 -22.14 21.45 0.68
C GLN B 1 -21.09 20.43 1.13
N VAL B 2 -21.51 19.50 1.99
CA VAL B 2 -20.70 18.36 2.40
C VAL B 2 -20.47 17.49 1.17
N GLN B 3 -19.21 17.08 0.96
CA GLN B 3 -18.80 16.42 -0.29
C GLN B 3 -17.74 15.34 -0.11
N LEU B 4 -17.96 14.17 -0.73
CA LEU B 4 -16.95 13.12 -0.80
C LEU B 4 -16.67 12.85 -2.27
N VAL B 5 -15.45 13.18 -2.71
CA VAL B 5 -15.07 13.06 -4.13
C VAL B 5 -13.84 12.16 -4.35
N GLN B 6 -14.04 11.10 -5.15
CA GLN B 6 -13.06 10.02 -5.36
C GLN B 6 -12.18 10.25 -6.59
N SER B 7 -11.18 9.38 -6.77
CA SER B 7 -10.04 9.67 -7.67
C SER B 7 -10.15 9.24 -9.15
N GLY B 8 -10.93 8.21 -9.46
CA GLY B 8 -11.14 7.92 -10.88
C GLY B 8 -10.41 6.72 -11.46
N ALA B 9 -11.00 6.16 -12.52
CA ALA B 9 -10.70 4.84 -13.03
C ALA B 9 -9.22 4.47 -13.16
N GLU B 10 -8.91 3.23 -12.83
CA GLU B 10 -7.57 2.74 -12.97
C GLU B 10 -7.61 1.39 -13.64
N VAL B 11 -6.83 1.25 -14.71
CA VAL B 11 -6.67 -0.03 -15.42
C VAL B 11 -5.25 -0.51 -15.15
N LYS B 12 -5.13 -1.74 -14.65
CA LYS B 12 -3.85 -2.25 -14.13
C LYS B 12 -3.62 -3.73 -14.49
N LYS B 13 -2.41 -4.22 -14.20
CA LYS B 13 -2.08 -5.63 -14.42
C LYS B 13 -1.84 -6.32 -13.10
N ALA B 14 -1.99 -7.64 -13.09
CA ALA B 14 -1.84 -8.39 -11.87
C ALA B 14 -0.42 -8.23 -11.33
N GLY B 15 -0.30 -7.91 -10.04
CA GLY B 15 1.00 -7.80 -9.39
C GLY B 15 1.45 -6.38 -9.10
N GLU B 16 0.82 -5.40 -9.77
CA GLU B 16 1.19 -3.98 -9.63
C GLU B 16 0.56 -3.38 -8.39
N SER B 17 1.23 -2.41 -7.79
CA SER B 17 0.66 -1.72 -6.64
C SER B 17 -0.30 -0.60 -7.07
N LEU B 18 -1.24 -0.25 -6.19
CA LEU B 18 -2.25 0.76 -6.49
C LEU B 18 -2.73 1.44 -5.23
N GLU B 19 -3.16 2.69 -5.40
CA GLU B 19 -3.81 3.47 -4.38
C GLU B 19 -5.05 4.13 -5.02
N ILE B 20 -6.15 4.21 -4.29
CA ILE B 20 -7.24 5.15 -4.64
C ILE B 20 -7.65 6.02 -3.47
N SER B 21 -8.23 7.18 -3.75
CA SER B 21 -8.47 8.19 -2.72
C SER B 21 -9.92 8.61 -2.59
N CYS B 22 -10.22 9.35 -1.51
CA CYS B 22 -11.57 9.86 -1.21
C CYS B 22 -11.43 11.12 -0.35
N LYS B 23 -11.75 12.27 -0.95
CA LYS B 23 -11.51 13.57 -0.31
C LYS B 23 -12.77 14.26 0.18
N GLY B 24 -12.89 14.38 1.49
CA GLY B 24 -14.03 15.06 2.10
C GLY B 24 -13.71 16.53 2.25
N SER B 25 -14.73 17.36 2.01
CA SER B 25 -14.59 18.81 2.18
C SER B 25 -15.91 19.40 2.65
N GLY B 26 -15.87 20.64 3.14
CA GLY B 26 -17.05 21.33 3.66
C GLY B 26 -17.58 20.76 4.97
N TYR B 27 -16.71 20.08 5.71
CA TYR B 27 -16.98 19.65 7.09
C TYR B 27 -15.63 19.38 7.76
N THR B 28 -15.62 19.09 9.07
CA THR B 28 -14.37 18.73 9.75
C THR B 28 -14.07 17.26 9.48
N PHE B 29 -13.26 17.01 8.44
CA PHE B 29 -12.97 15.67 7.93
C PHE B 29 -12.48 14.69 9.00
N THR B 30 -11.78 15.22 9.99
CA THR B 30 -11.22 14.38 11.02
C THR B 30 -12.23 13.99 12.12
N ASP B 31 -13.48 14.36 11.92
CA ASP B 31 -14.56 14.04 12.86
C ASP B 31 -15.15 12.65 12.66
N HIS B 32 -15.36 12.24 11.40
CA HIS B 32 -16.19 11.05 11.10
C HIS B 32 -15.49 9.92 10.35
N TRP B 33 -15.84 8.69 10.72
CA TRP B 33 -15.35 7.50 10.06
C TRP B 33 -15.61 7.50 8.55
N ILE B 34 -14.63 6.99 7.79
CA ILE B 34 -14.84 6.71 6.38
C ILE B 34 -14.71 5.20 6.14
N ALA B 35 -15.63 4.65 5.33
CA ALA B 35 -15.67 3.22 5.00
C ALA B 35 -15.45 2.97 3.51
N TRP B 36 -15.03 1.76 3.17
CA TRP B 36 -14.83 1.37 1.78
C TRP B 36 -15.67 0.16 1.45
N VAL B 37 -16.35 0.25 0.30
CA VAL B 37 -17.29 -0.73 -0.17
C VAL B 37 -16.87 -1.19 -1.59
N ARG B 38 -16.88 -2.50 -1.79
CA ARG B 38 -16.48 -3.10 -3.06
C ARG B 38 -17.66 -3.78 -3.74
N GLN B 39 -17.69 -3.73 -5.07
CA GLN B 39 -18.74 -4.37 -5.86
C GLN B 39 -18.17 -4.94 -7.14
N VAL B 40 -18.06 -6.26 -7.20
CA VAL B 40 -17.62 -6.94 -8.42
C VAL B 40 -18.72 -6.85 -9.48
N PRO B 41 -18.37 -6.53 -10.75
CA PRO B 41 -19.35 -6.44 -11.83
C PRO B 41 -20.39 -7.55 -11.79
N GLY B 42 -21.65 -7.17 -11.70
CA GLY B 42 -22.74 -8.12 -11.65
C GLY B 42 -23.06 -8.73 -10.29
N LYS B 43 -22.13 -8.67 -9.35
CA LYS B 43 -22.38 -9.14 -7.97
C LYS B 43 -22.84 -7.96 -7.11
N GLY B 44 -23.08 -8.20 -5.82
CA GLY B 44 -23.61 -7.19 -4.88
C GLY B 44 -22.56 -6.46 -4.04
N LEU B 45 -23.03 -5.67 -3.07
CA LEU B 45 -22.15 -4.77 -2.28
C LEU B 45 -21.46 -5.50 -1.14
N GLU B 46 -20.17 -5.22 -0.94
CA GLU B 46 -19.41 -5.80 0.18
C GLU B 46 -18.65 -4.77 1.02
N TRP B 47 -18.86 -4.84 2.34
CA TRP B 47 -18.10 -4.02 3.29
C TRP B 47 -16.64 -4.47 3.44
N MET B 48 -15.74 -3.53 3.19
CA MET B 48 -14.31 -3.80 3.26
C MET B 48 -13.73 -3.37 4.59
N GLY B 49 -14.42 -2.48 5.30
CA GLY B 49 -13.89 -1.95 6.54
C GLY B 49 -13.88 -0.44 6.56
N MET B 50 -13.18 0.14 7.54
CA MET B 50 -13.25 1.57 7.79
C MET B 50 -12.03 2.19 8.47
N ILE B 51 -11.92 3.50 8.38
CA ILE B 51 -10.76 4.24 8.86
C ILE B 51 -11.30 5.41 9.67
N TYR B 52 -10.62 5.77 10.76
CA TYR B 52 -11.00 6.96 11.50
C TYR B 52 -9.93 8.04 11.36
N PRO B 53 -10.18 9.04 10.50
CA PRO B 53 -9.25 10.12 10.16
C PRO B 53 -8.66 10.83 11.38
N GLY B 54 -9.41 10.89 12.47
CA GLY B 54 -8.92 11.50 13.69
C GLY B 54 -7.57 10.97 14.10
N ASP B 55 -7.51 9.67 14.39
CA ASP B 55 -6.32 9.04 14.91
C ASP B 55 -5.88 7.84 14.06
N SER B 56 -6.48 7.72 12.87
CA SER B 56 -6.11 6.71 11.89
C SER B 56 -6.31 5.27 12.37
N ASP B 57 -7.26 5.08 13.28
CA ASP B 57 -7.69 3.75 13.68
C ASP B 57 -8.47 3.12 12.53
N THR B 58 -8.24 1.83 12.31
CA THR B 58 -8.91 1.12 11.22
C THR B 58 -9.56 -0.16 11.72
N ARG B 59 -10.63 -0.58 11.05
CA ARG B 59 -11.24 -1.87 11.30
C ARG B 59 -11.49 -2.54 9.97
N TYR B 60 -10.92 -3.72 9.79
CA TYR B 60 -10.97 -4.42 8.52
C TYR B 60 -11.97 -5.56 8.51
N SER B 61 -12.71 -5.66 7.41
CA SER B 61 -13.58 -6.81 7.16
C SER B 61 -12.78 -8.10 7.36
N PRO B 62 -13.38 -9.10 8.03
CA PRO B 62 -12.67 -10.34 8.36
C PRO B 62 -12.03 -11.02 7.16
N SER B 63 -12.55 -10.80 5.96
CA SER B 63 -12.01 -11.48 4.77
C SER B 63 -11.11 -10.60 3.86
N LEU B 64 -10.57 -9.52 4.41
CA LEU B 64 -9.52 -8.75 3.73
C LEU B 64 -8.17 -9.37 4.01
N GLN B 65 -7.62 -10.04 3.00
CA GLN B 65 -6.46 -10.92 3.16
C GLN B 65 -5.22 -10.30 3.84
N GLY B 66 -5.17 -8.97 3.88
CA GLY B 66 -4.00 -8.29 4.42
C GLY B 66 -3.12 -7.79 3.29
N ARG B 67 -3.63 -7.89 2.06
CA ARG B 67 -3.00 -7.25 0.91
C ARG B 67 -3.50 -5.82 0.80
N VAL B 68 -4.72 -5.59 1.30
CA VAL B 68 -5.39 -4.30 1.18
C VAL B 68 -5.53 -3.55 2.51
N THR B 69 -5.25 -2.26 2.48
CA THR B 69 -5.16 -1.46 3.69
C THR B 69 -5.83 -0.10 3.49
N MET B 70 -5.87 0.70 4.55
CA MET B 70 -6.51 2.00 4.51
C MET B 70 -5.62 3.02 5.19
N SER B 71 -5.64 4.26 4.71
CA SER B 71 -4.87 5.32 5.34
C SER B 71 -5.58 6.66 5.24
N ALA B 72 -5.15 7.61 6.07
CA ALA B 72 -5.82 8.92 6.11
C ALA B 72 -4.88 10.10 6.36
N ASP B 73 -4.92 11.09 5.47
CA ASP B 73 -4.13 12.32 5.63
C ASP B 73 -4.98 13.44 6.20
N LYS B 74 -4.69 13.83 7.45
CA LYS B 74 -5.29 15.03 8.03
C LYS B 74 -4.96 16.32 7.24
N THR B 75 -3.82 16.36 6.55
CA THR B 75 -3.44 17.56 5.80
C THR B 75 -4.38 17.86 4.63
N LEU B 76 -4.56 16.87 3.76
CA LEU B 76 -5.33 17.01 2.53
C LEU B 76 -6.76 16.53 2.73
N SER B 77 -7.06 16.13 3.97
CA SER B 77 -8.37 15.61 4.34
C SER B 77 -8.85 14.52 3.37
N THR B 78 -7.99 13.53 3.16
CA THR B 78 -8.29 12.49 2.18
C THR B 78 -8.07 11.09 2.74
N ALA B 79 -8.85 10.13 2.26
CA ALA B 79 -8.72 8.74 2.72
C ALA B 79 -8.30 7.85 1.58
N TYR B 80 -7.51 6.83 1.87
CA TYR B 80 -6.90 6.02 0.84
C TYR B 80 -7.21 4.53 0.98
N LEU B 81 -7.55 3.90 -0.14
CA LEU B 81 -7.57 2.44 -0.22
C LEU B 81 -6.32 1.97 -0.96
N GLN B 82 -5.54 1.12 -0.30
CA GLN B 82 -4.20 0.76 -0.76
C GLN B 82 -4.03 -0.74 -1.02
N TRP B 83 -3.23 -1.05 -2.05
CA TRP B 83 -2.86 -2.42 -2.42
C TRP B 83 -1.36 -2.51 -2.63
N SER B 84 -0.75 -3.56 -2.12
CA SER B 84 0.65 -3.80 -2.35
C SER B 84 0.82 -4.48 -3.68
N ARG B 85 0.00 -5.50 -3.91
CA ARG B 85 0.14 -6.37 -5.06
C ARG B 85 -1.25 -6.77 -5.54
N LEU B 86 -1.76 -6.03 -6.53
CA LEU B 86 -3.09 -6.32 -7.08
C LEU B 86 -3.18 -7.73 -7.67
N GLU B 87 -4.35 -8.36 -7.55
CA GLU B 87 -4.63 -9.59 -8.30
C GLU B 87 -5.95 -9.48 -9.06
N ALA B 88 -6.22 -10.47 -9.90
CA ALA B 88 -7.36 -10.45 -10.85
C ALA B 88 -8.70 -10.13 -10.19
N SER B 89 -8.91 -10.72 -9.01
CA SER B 89 -10.19 -10.59 -8.30
C SER B 89 -10.36 -9.28 -7.52
N ASP B 90 -9.40 -8.37 -7.66
CA ASP B 90 -9.56 -7.05 -7.10
C ASP B 90 -10.41 -6.15 -8.01
N THR B 91 -10.79 -6.71 -9.15
CA THR B 91 -11.51 -5.97 -10.17
C THR B 91 -12.93 -5.66 -9.68
N ALA B 92 -13.22 -4.39 -9.47
CA ALA B 92 -14.53 -3.97 -8.97
C ALA B 92 -14.79 -2.47 -9.04
N MET B 93 -16.01 -2.09 -8.68
CA MET B 93 -16.29 -0.72 -8.32
C MET B 93 -16.04 -0.53 -6.81
N TYR B 94 -15.34 0.54 -6.45
CA TYR B 94 -15.06 0.87 -5.04
C TYR B 94 -15.66 2.22 -4.68
N TYR B 95 -16.61 2.23 -3.72
CA TYR B 95 -17.17 3.49 -3.17
C TYR B 95 -16.59 3.79 -1.80
N CYS B 96 -16.54 5.07 -1.44
CA CYS B 96 -16.29 5.47 -0.06
C CYS B 96 -17.55 6.11 0.50
N ALA B 97 -17.79 5.93 1.79
CA ALA B 97 -19.02 6.40 2.46
C ALA B 97 -18.72 6.88 3.87
N ARG B 98 -19.19 8.08 4.20
CA ARG B 98 -18.91 8.64 5.53
C ARG B 98 -20.04 8.45 6.54
N LEU B 99 -19.65 8.05 7.73
CA LEU B 99 -20.56 7.64 8.78
C LEU B 99 -21.12 8.83 9.55
N HIS B 100 -22.21 9.42 9.05
CA HIS B 100 -22.88 10.55 9.70
C HIS B 100 -24.14 11.03 8.95
N TYR B 101 -25.20 11.31 9.69
CA TYR B 101 -26.39 11.99 9.14
C TYR B 101 -26.98 13.04 10.08
N SER B 102 -27.45 14.15 9.51
CA SER B 102 -28.19 15.15 10.26
C SER B 102 -29.51 15.49 9.59
N ASP B 103 -30.63 15.17 10.27
CA ASP B 103 -31.97 15.61 9.81
C ASP B 103 -32.15 17.10 10.10
N ARG B 104 -33.16 17.71 9.48
CA ARG B 104 -33.27 19.17 9.54
C ARG B 104 -33.67 19.77 10.91
N SER B 105 -34.16 18.91 11.83
CA SER B 105 -34.39 19.31 13.23
C SER B 105 -33.12 19.17 14.11
N GLY B 106 -31.95 19.24 13.45
CA GLY B 106 -30.67 19.31 14.16
C GLY B 106 -30.18 18.01 14.76
N SER B 107 -31.01 16.97 14.74
CA SER B 107 -30.65 15.67 15.31
C SER B 107 -29.39 15.05 14.68
N TYR B 108 -28.65 14.33 15.50
CA TYR B 108 -27.28 13.93 15.21
C TYR B 108 -27.09 12.41 15.28
N PHE B 109 -27.03 11.78 14.11
CA PHE B 109 -26.88 10.33 14.02
C PHE B 109 -25.48 9.93 13.56
N ASN B 110 -24.88 9.00 14.29
CA ASN B 110 -23.45 8.75 14.19
C ASN B 110 -23.11 7.39 13.57
N ASP B 111 -24.14 6.71 13.05
CA ASP B 111 -24.05 5.32 12.60
C ASP B 111 -24.59 5.14 11.19
N VAL B 112 -24.85 6.27 10.51
CA VAL B 112 -25.62 6.29 9.27
C VAL B 112 -24.84 6.75 8.03
N PHE B 113 -24.63 5.81 7.12
CA PHE B 113 -23.94 6.06 5.88
C PHE B 113 -24.78 6.85 4.89
N HIS B 114 -24.93 8.15 5.14
CA HIS B 114 -25.71 8.99 4.26
C HIS B 114 -24.94 9.42 3.02
N MET B 115 -23.73 9.94 3.21
CA MET B 115 -22.96 10.48 2.08
C MET B 115 -22.03 9.44 1.46
N TRP B 116 -22.07 9.38 0.13
CA TRP B 116 -21.28 8.44 -0.68
C TRP B 116 -20.49 9.17 -1.76
N GLY B 117 -19.38 8.57 -2.19
CA GLY B 117 -18.62 9.05 -3.36
C GLY B 117 -19.17 8.42 -4.64
N GLN B 118 -18.71 8.91 -5.79
CA GLN B 118 -19.23 8.47 -7.10
C GLN B 118 -18.73 7.09 -7.48
N GLY B 119 -17.78 6.56 -6.71
CA GLY B 119 -17.16 5.28 -7.00
C GLY B 119 -15.88 5.46 -7.79
N THR B 120 -14.94 4.54 -7.57
CA THR B 120 -13.76 4.46 -8.40
C THR B 120 -13.73 3.09 -9.05
N THR B 121 -13.81 3.05 -10.37
CA THR B 121 -13.83 1.78 -11.08
C THR B 121 -12.39 1.30 -11.33
N VAL B 122 -12.12 0.04 -10.99
CA VAL B 122 -10.77 -0.51 -11.01
C VAL B 122 -10.75 -1.83 -11.76
N THR B 123 -9.98 -1.88 -12.84
CA THR B 123 -9.84 -3.08 -13.66
C THR B 123 -8.44 -3.67 -13.53
N VAL B 124 -8.36 -4.99 -13.32
CA VAL B 124 -7.07 -5.71 -13.23
C VAL B 124 -7.07 -6.95 -14.14
N SER B 125 -6.17 -6.97 -15.12
CA SER B 125 -6.08 -8.06 -16.09
C SER B 125 -4.91 -8.97 -15.78
N SER B 126 -5.16 -10.28 -15.87
CA SER B 126 -4.14 -11.30 -15.58
C SER B 126 -3.91 -12.25 -16.76
N ALA B 127 -3.68 -11.66 -17.94
CA ALA B 127 -3.68 -12.41 -19.19
C ALA B 127 -2.99 -11.68 -20.34
N SER B 128 -2.23 -12.44 -21.12
CA SER B 128 -1.63 -11.96 -22.38
C SER B 128 -2.63 -11.96 -23.52
N THR B 129 -2.18 -11.59 -24.71
CA THR B 129 -3.06 -11.58 -25.88
C THR B 129 -3.12 -12.96 -26.55
N LYS B 130 -4.32 -13.54 -26.58
CA LYS B 130 -4.54 -14.88 -27.11
C LYS B 130 -5.71 -14.88 -28.07
N GLY B 131 -5.50 -15.48 -29.23
CA GLY B 131 -6.60 -15.71 -30.18
C GLY B 131 -7.46 -16.85 -29.70
N PRO B 132 -8.71 -16.92 -30.16
CA PRO B 132 -9.65 -17.89 -29.60
C PRO B 132 -9.60 -19.23 -30.30
N SER B 133 -9.95 -20.28 -29.57
CA SER B 133 -10.23 -21.60 -30.14
C SER B 133 -11.71 -21.67 -30.46
N VAL B 134 -12.08 -22.29 -31.56
CA VAL B 134 -13.52 -22.54 -31.75
C VAL B 134 -13.95 -24.02 -31.81
N PHE B 135 -15.07 -24.32 -31.14
CA PHE B 135 -15.58 -25.69 -31.08
C PHE B 135 -17.06 -25.67 -31.44
N PRO B 136 -17.51 -26.66 -32.24
CA PRO B 136 -18.88 -26.75 -32.74
C PRO B 136 -19.87 -27.22 -31.69
N LEU B 137 -21.06 -26.62 -31.66
CA LEU B 137 -22.15 -27.09 -30.82
C LEU B 137 -23.16 -27.72 -31.75
N ALA B 138 -22.98 -29.02 -31.94
CA ALA B 138 -23.73 -29.80 -32.91
C ALA B 138 -25.22 -29.83 -32.62
N PRO B 139 -26.05 -29.76 -33.68
CA PRO B 139 -27.47 -30.02 -33.50
C PRO B 139 -27.69 -31.51 -33.26
N SER B 140 -28.80 -31.84 -32.62
CA SER B 140 -29.14 -33.22 -32.26
C SER B 140 -30.63 -33.32 -31.96
N SER B 141 -31.10 -34.54 -31.70
CA SER B 141 -32.47 -34.77 -31.23
C SER B 141 -32.80 -33.79 -30.11
N LYS B 142 -31.96 -33.78 -29.07
CA LYS B 142 -32.14 -32.95 -27.86
C LYS B 142 -32.07 -31.45 -28.18
N SER B 143 -31.52 -31.15 -29.36
CA SER B 143 -31.35 -29.77 -29.82
C SER B 143 -32.52 -29.29 -30.68
N THR B 144 -33.18 -30.22 -31.37
CA THR B 144 -34.27 -29.90 -32.29
C THR B 144 -35.69 -29.89 -31.65
N SER B 145 -36.47 -28.88 -32.02
CA SER B 145 -37.75 -28.56 -31.36
C SER B 145 -38.87 -28.28 -32.40
N GLY B 146 -39.52 -29.34 -32.85
CA GLY B 146 -40.53 -29.24 -33.91
C GLY B 146 -39.82 -29.36 -35.25
N GLY B 147 -40.04 -28.38 -36.13
CA GLY B 147 -39.29 -28.30 -37.38
C GLY B 147 -38.04 -27.43 -37.26
N THR B 148 -37.55 -27.23 -36.04
CA THR B 148 -36.49 -26.26 -35.76
C THR B 148 -35.34 -26.85 -34.97
N ALA B 149 -34.11 -26.45 -35.31
CA ALA B 149 -32.90 -26.93 -34.63
C ALA B 149 -31.94 -25.80 -34.26
N ALA B 150 -31.32 -25.92 -33.08
CA ALA B 150 -30.28 -24.98 -32.66
C ALA B 150 -28.90 -25.62 -32.86
N LEU B 151 -27.99 -24.82 -33.41
CA LEU B 151 -26.59 -25.21 -33.47
C LEU B 151 -25.78 -23.96 -33.14
N GLY B 152 -24.55 -24.14 -32.69
CA GLY B 152 -23.73 -23.00 -32.33
C GLY B 152 -22.24 -23.13 -32.55
N CYS B 153 -21.52 -22.07 -32.18
CA CYS B 153 -20.06 -22.06 -32.12
C CYS B 153 -19.66 -21.60 -30.75
N LEU B 154 -18.81 -22.40 -30.11
CA LEU B 154 -18.24 -22.04 -28.83
C LEU B 154 -16.88 -21.40 -29.09
N VAL B 155 -16.80 -20.11 -28.82
CA VAL B 155 -15.60 -19.33 -29.07
C VAL B 155 -14.94 -19.10 -27.73
N LYS B 156 -13.82 -19.78 -27.46
CA LYS B 156 -13.27 -19.74 -26.12
C LYS B 156 -11.79 -19.48 -26.00
N ASP B 157 -11.40 -19.06 -24.79
CA ASP B 157 -10.02 -18.86 -24.39
C ASP B 157 -9.36 -17.78 -25.24
N TYR B 158 -9.92 -16.57 -25.15
CA TYR B 158 -9.35 -15.41 -25.84
C TYR B 158 -9.22 -14.16 -24.96
N PHE B 159 -8.31 -13.27 -25.39
CA PHE B 159 -8.04 -12.01 -24.72
C PHE B 159 -7.34 -11.09 -25.70
N PRO B 160 -7.70 -9.79 -25.68
CA PRO B 160 -8.77 -9.20 -24.90
C PRO B 160 -10.07 -9.18 -25.69
N GLU B 161 -10.98 -8.29 -25.32
CA GLU B 161 -12.23 -8.18 -26.05
C GLU B 161 -12.08 -7.15 -27.18
N PRO B 162 -12.96 -7.19 -28.20
CA PRO B 162 -14.03 -8.16 -28.42
C PRO B 162 -13.66 -9.27 -29.41
N VAL B 163 -14.62 -10.09 -29.75
CA VAL B 163 -14.54 -10.99 -30.89
C VAL B 163 -15.74 -10.61 -31.76
N THR B 164 -15.77 -11.02 -33.03
CA THR B 164 -16.99 -10.87 -33.83
C THR B 164 -17.38 -12.22 -34.40
N VAL B 165 -18.67 -12.45 -34.58
CA VAL B 165 -19.13 -13.69 -35.20
C VAL B 165 -20.06 -13.44 -36.36
N SER B 166 -19.98 -14.31 -37.35
CA SER B 166 -20.94 -14.33 -38.44
C SER B 166 -21.07 -15.76 -38.92
N TRP B 167 -22.16 -16.02 -39.62
CA TRP B 167 -22.49 -17.35 -40.10
C TRP B 167 -22.52 -17.32 -41.62
N ASN B 168 -22.09 -18.43 -42.24
CA ASN B 168 -22.06 -18.56 -43.69
C ASN B 168 -21.66 -17.24 -44.39
N SER B 169 -20.48 -16.74 -44.01
CA SER B 169 -19.92 -15.49 -44.54
C SER B 169 -20.88 -14.29 -44.56
N GLY B 170 -21.82 -14.25 -43.63
CA GLY B 170 -22.78 -13.15 -43.56
C GLY B 170 -24.09 -13.46 -44.26
N ALA B 171 -24.06 -14.38 -45.22
CA ALA B 171 -25.29 -14.76 -45.94
C ALA B 171 -26.46 -15.07 -45.00
N LEU B 172 -26.17 -15.85 -43.95
CA LEU B 172 -27.15 -16.18 -42.91
C LEU B 172 -27.13 -15.16 -41.79
N THR B 173 -28.26 -14.51 -41.53
CA THR B 173 -28.31 -13.44 -40.53
C THR B 173 -29.50 -13.59 -39.58
N SER B 174 -30.15 -14.75 -39.62
CA SER B 174 -31.35 -14.97 -38.84
C SER B 174 -31.66 -16.46 -38.68
N GLY B 175 -32.11 -16.89 -37.50
CA GLY B 175 -32.17 -16.08 -36.30
C GLY B 175 -30.93 -16.41 -35.50
N VAL B 176 -30.05 -15.41 -35.37
CA VAL B 176 -28.72 -15.62 -34.85
C VAL B 176 -28.57 -14.92 -33.53
N HIS B 177 -28.28 -15.69 -32.49
CA HIS B 177 -28.03 -15.07 -31.20
C HIS B 177 -26.58 -15.25 -30.79
N THR B 178 -25.88 -14.13 -30.65
CA THR B 178 -24.52 -14.12 -30.15
C THR B 178 -24.46 -13.51 -28.76
N PHE B 179 -24.32 -14.37 -27.75
CA PHE B 179 -24.43 -13.99 -26.33
C PHE B 179 -23.25 -13.15 -25.84
N PRO B 180 -23.39 -12.48 -24.68
CA PRO B 180 -22.27 -11.73 -24.12
C PRO B 180 -21.15 -12.61 -23.61
N ALA B 181 -19.94 -12.08 -23.61
CA ALA B 181 -18.79 -12.85 -23.19
C ALA B 181 -18.76 -13.07 -21.68
N VAL B 182 -18.07 -14.13 -21.27
CA VAL B 182 -17.95 -14.46 -19.87
C VAL B 182 -16.46 -14.40 -19.49
N LEU B 183 -16.15 -13.98 -18.27
CA LEU B 183 -14.75 -13.88 -17.84
C LEU B 183 -14.41 -15.08 -16.96
N GLN B 184 -13.43 -15.87 -17.40
CA GLN B 184 -13.06 -17.06 -16.67
C GLN B 184 -12.03 -16.73 -15.61
N SER B 185 -11.76 -17.69 -14.75
CA SER B 185 -10.83 -17.50 -13.67
C SER B 185 -9.39 -17.54 -14.18
N SER B 186 -9.23 -17.97 -15.44
CA SER B 186 -7.92 -17.98 -16.11
C SER B 186 -7.51 -16.59 -16.64
N GLY B 187 -8.43 -15.62 -16.55
CA GLY B 187 -8.21 -14.28 -17.11
C GLY B 187 -8.63 -14.17 -18.56
N LEU B 188 -9.02 -15.30 -19.15
CA LEU B 188 -9.44 -15.38 -20.56
C LEU B 188 -10.96 -15.37 -20.73
N TYR B 189 -11.41 -14.92 -21.90
CA TYR B 189 -12.84 -14.88 -22.22
C TYR B 189 -13.34 -16.09 -22.99
N SER B 190 -14.66 -16.23 -23.01
CA SER B 190 -15.41 -17.15 -23.87
C SER B 190 -16.75 -16.50 -24.25
N LEU B 191 -17.29 -16.87 -25.40
CA LEU B 191 -18.70 -16.59 -25.72
C LEU B 191 -19.27 -17.63 -26.67
N SER B 192 -20.60 -17.72 -26.72
CA SER B 192 -21.30 -18.62 -27.62
C SER B 192 -22.20 -17.88 -28.58
N SER B 193 -22.16 -18.32 -29.84
CA SER B 193 -23.10 -17.86 -30.83
C SER B 193 -23.93 -19.05 -31.28
N VAL B 194 -25.25 -18.85 -31.28
CA VAL B 194 -26.19 -19.87 -31.71
C VAL B 194 -27.15 -19.34 -32.79
N VAL B 195 -27.51 -20.22 -33.72
CA VAL B 195 -28.52 -19.92 -34.72
C VAL B 195 -29.55 -21.05 -34.69
N THR B 196 -30.82 -20.70 -34.85
CA THR B 196 -31.84 -21.73 -35.08
C THR B 196 -32.15 -21.81 -36.57
N VAL B 197 -32.25 -23.04 -37.06
CA VAL B 197 -32.41 -23.30 -38.49
C VAL B 197 -33.43 -24.42 -38.66
N PRO B 198 -33.96 -24.60 -39.90
CA PRO B 198 -34.89 -25.68 -40.12
C PRO B 198 -34.19 -27.04 -40.08
N SER B 199 -34.83 -28.00 -39.42
CA SER B 199 -34.25 -29.32 -39.19
C SER B 199 -34.38 -30.23 -40.42
N SER B 200 -35.26 -29.87 -41.34
CA SER B 200 -35.40 -30.57 -42.62
C SER B 200 -34.12 -30.44 -43.45
N SER B 201 -33.40 -29.34 -43.24
CA SER B 201 -32.23 -28.97 -44.03
C SER B 201 -30.90 -29.39 -43.38
N LEU B 202 -30.97 -30.08 -42.24
CA LEU B 202 -29.78 -30.41 -41.46
C LEU B 202 -28.80 -31.36 -42.13
N GLY B 203 -29.26 -32.09 -43.14
CA GLY B 203 -28.38 -33.06 -43.80
C GLY B 203 -28.03 -32.70 -45.22
N THR B 204 -28.36 -31.48 -45.62
CA THR B 204 -28.18 -31.03 -47.00
C THR B 204 -27.60 -29.63 -47.10
N GLN B 205 -27.80 -28.84 -46.04
CA GLN B 205 -27.25 -27.50 -45.96
C GLN B 205 -25.94 -27.51 -45.18
N THR B 206 -25.03 -26.60 -45.55
CA THR B 206 -23.78 -26.46 -44.80
C THR B 206 -23.88 -25.26 -43.86
N TYR B 207 -23.27 -25.39 -42.68
CA TYR B 207 -23.20 -24.29 -41.71
C TYR B 207 -21.78 -24.02 -41.23
N ILE B 208 -21.29 -22.82 -41.54
CA ILE B 208 -19.96 -22.40 -41.11
C ILE B 208 -20.02 -21.10 -40.33
N CYS B 209 -19.48 -21.10 -39.12
CA CYS B 209 -19.38 -19.86 -38.36
C CYS B 209 -18.01 -19.22 -38.60
N ASN B 210 -17.99 -17.87 -38.64
CA ASN B 210 -16.78 -17.10 -38.94
C ASN B 210 -16.35 -16.23 -37.76
N VAL B 211 -15.15 -16.48 -37.25
CA VAL B 211 -14.71 -15.82 -36.01
C VAL B 211 -13.47 -14.94 -36.24
N ASN B 212 -13.59 -13.66 -35.90
CA ASN B 212 -12.55 -12.68 -36.17
C ASN B 212 -12.14 -11.95 -34.88
N HIS B 213 -10.86 -11.98 -34.57
CA HIS B 213 -10.35 -11.41 -33.32
C HIS B 213 -9.13 -10.50 -33.54
N LYS B 214 -9.40 -9.22 -33.75
CA LYS B 214 -8.38 -8.26 -34.24
C LYS B 214 -7.11 -8.05 -33.38
N PRO B 215 -7.23 -8.05 -32.05
CA PRO B 215 -6.02 -7.81 -31.24
C PRO B 215 -4.92 -8.84 -31.44
N SER B 216 -5.28 -10.03 -31.93
CA SER B 216 -4.32 -11.11 -32.15
C SER B 216 -4.24 -11.48 -33.64
N ASN B 217 -5.02 -10.76 -34.44
CA ASN B 217 -5.09 -10.96 -35.90
C ASN B 217 -5.31 -12.41 -36.28
N THR B 218 -6.43 -12.96 -35.82
CA THR B 218 -6.79 -14.34 -36.10
C THR B 218 -8.19 -14.47 -36.64
N LYS B 219 -8.31 -15.27 -37.69
CA LYS B 219 -9.60 -15.62 -38.28
C LYS B 219 -9.79 -17.13 -38.24
N VAL B 220 -11.00 -17.57 -37.87
CA VAL B 220 -11.32 -18.99 -37.76
C VAL B 220 -12.66 -19.33 -38.39
N ASP B 221 -12.69 -20.41 -39.17
CA ASP B 221 -13.90 -20.93 -39.79
C ASP B 221 -14.20 -22.32 -39.25
N LYS B 222 -15.40 -22.51 -38.70
CA LYS B 222 -15.78 -23.85 -38.24
C LYS B 222 -17.11 -24.30 -38.80
N LYS B 223 -17.10 -25.53 -39.33
CA LYS B 223 -18.27 -26.15 -39.88
C LYS B 223 -19.01 -26.84 -38.75
N VAL B 224 -20.28 -26.49 -38.58
CA VAL B 224 -21.12 -27.12 -37.58
C VAL B 224 -22.04 -28.13 -38.25
N GLU B 225 -21.86 -29.40 -37.90
CA GLU B 225 -22.61 -30.51 -38.50
C GLU B 225 -23.33 -31.32 -37.41
N PRO B 226 -24.31 -32.15 -37.81
CA PRO B 226 -24.81 -33.22 -36.94
C PRO B 226 -23.74 -34.30 -36.69
N LYS B 227 -24.14 -35.43 -36.13
CA LYS B 227 -23.20 -36.54 -35.85
C LYS B 227 -23.63 -37.88 -36.47
N SER B 228 -22.68 -38.53 -37.15
CA SER B 228 -22.90 -39.79 -37.86
C SER B 228 -22.48 -41.02 -37.03
N LYS C 3 -13.24 11.23 20.67
CA LYS C 3 -14.01 12.40 20.24
C LYS C 3 -15.48 12.01 20.12
N ARG C 4 -16.05 12.27 18.95
CA ARG C 4 -17.36 11.82 18.52
C ARG C 4 -17.18 10.63 17.57
N LYS C 5 -16.02 9.99 17.69
CA LYS C 5 -15.68 8.70 17.08
C LYS C 5 -16.62 7.59 17.57
N ARG C 6 -17.61 7.99 18.35
CA ARG C 6 -18.57 7.10 18.97
C ARG C 6 -19.54 6.55 17.93
N ILE C 7 -19.65 5.23 17.83
CA ILE C 7 -20.70 4.62 16.98
C ILE C 7 -21.69 3.82 17.81
N HIS C 8 -22.96 4.17 17.64
CA HIS C 8 -24.09 3.60 18.35
C HIS C 8 -24.78 2.55 17.46
N ILE C 9 -24.58 1.26 17.76
CA ILE C 9 -25.03 0.20 16.85
C ILE C 9 -26.46 -0.29 17.05
N GLY C 10 -27.11 0.19 18.10
CA GLY C 10 -28.49 -0.17 18.42
C GLY C 10 -28.89 0.40 19.75
N PRO C 11 -30.11 0.07 20.22
CA PRO C 11 -30.57 0.62 21.47
C PRO C 11 -29.70 0.14 22.61
N GLY C 12 -29.15 1.08 23.37
CA GLY C 12 -28.25 0.77 24.48
C GLY C 12 -27.03 -0.02 24.08
N ARG C 13 -26.47 0.29 22.90
CA ARG C 13 -25.28 -0.40 22.40
C ARG C 13 -24.36 0.49 21.59
N ALA C 14 -23.09 0.56 22.03
CA ALA C 14 -22.08 1.41 21.41
C ALA C 14 -20.67 0.80 21.42
N PHE C 15 -19.79 1.37 20.61
CA PHE C 15 -18.35 1.09 20.63
C PHE C 15 -17.61 2.42 20.55
N TYR C 16 -16.32 2.42 20.90
CA TYR C 16 -15.51 3.65 20.94
C TYR C 16 -16.15 4.73 21.83
N THR C 17 -16.67 4.26 22.95
CA THR C 17 -17.42 5.08 23.91
C THR C 17 -16.48 6.06 24.62
N THR C 18 -15.20 5.73 24.56
CA THR C 18 -14.18 6.47 25.29
C THR C 18 -12.87 6.41 24.49
N LYS C 19 -12.57 7.47 23.73
CA LYS C 19 -13.33 8.72 23.71
C LYS C 19 -14.24 8.82 22.48
N GLN D 1 28.40 -8.51 -3.61
CA GLN D 1 28.75 -7.37 -2.71
C GLN D 1 28.45 -6.02 -3.39
N SER D 2 27.70 -5.16 -2.67
CA SER D 2 27.15 -3.92 -3.26
C SER D 2 27.04 -2.73 -2.30
N VAL D 3 28.14 -1.96 -2.19
CA VAL D 3 28.11 -0.63 -1.59
C VAL D 3 29.42 0.11 -1.88
N LEU D 4 29.37 1.44 -1.93
CA LEU D 4 30.54 2.21 -2.32
C LEU D 4 31.13 2.91 -1.09
N THR D 5 32.43 2.70 -0.86
CA THR D 5 33.10 3.18 0.37
C THR D 5 33.78 4.54 0.22
N GLN D 6 33.29 5.51 0.98
CA GLN D 6 33.90 6.82 1.07
C GLN D 6 34.51 7.04 2.45
N PRO D 7 35.61 7.80 2.55
CA PRO D 7 36.08 8.14 3.88
C PRO D 7 35.04 9.01 4.58
N PRO D 8 34.89 8.85 5.92
CA PRO D 8 33.90 9.57 6.72
C PRO D 8 33.96 11.10 6.66
N SER D 9 35.16 11.68 6.71
CA SER D 9 35.25 13.14 6.64
C SER D 9 36.46 13.66 5.87
N ALA D 10 36.46 14.97 5.64
CA ALA D 10 37.53 15.68 4.96
C ALA D 10 37.37 17.19 5.17
N SER D 11 38.47 17.93 4.99
CA SER D 11 38.59 19.31 5.48
C SER D 11 39.76 20.07 4.85
N GLY D 12 39.64 21.39 4.75
CA GLY D 12 40.73 22.26 4.30
C GLY D 12 40.51 23.74 4.59
N THR D 13 41.56 24.55 4.40
CA THR D 13 41.48 26.02 4.60
C THR D 13 40.87 26.75 3.39
N PRO D 14 40.11 27.84 3.63
CA PRO D 14 39.47 28.59 2.55
C PRO D 14 40.40 28.90 1.39
N GLY D 15 40.14 28.29 0.23
CA GLY D 15 40.97 28.46 -0.95
C GLY D 15 41.77 27.24 -1.35
N GLN D 16 41.89 26.28 -0.43
CA GLN D 16 42.60 25.02 -0.71
C GLN D 16 41.81 24.03 -1.57
N ARG D 17 42.40 22.85 -1.75
CA ARG D 17 41.86 21.78 -2.58
C ARG D 17 41.63 20.54 -1.76
N VAL D 18 40.42 19.99 -1.83
CA VAL D 18 40.09 18.75 -1.14
C VAL D 18 39.69 17.66 -2.14
N THR D 19 39.97 16.42 -1.76
CA THR D 19 39.65 15.25 -2.55
C THR D 19 38.78 14.31 -1.72
N ILE D 20 37.68 13.84 -2.29
CA ILE D 20 36.93 12.73 -1.69
C ILE D 20 37.16 11.57 -2.60
N SER D 21 37.36 10.39 -2.03
CA SER D 21 37.45 9.18 -2.85
C SER D 21 36.18 8.34 -2.73
N CYS D 22 35.88 7.60 -3.78
CA CYS D 22 34.79 6.64 -3.77
C CYS D 22 35.39 5.33 -4.23
N SER D 23 34.95 4.20 -3.68
CA SER D 23 35.62 2.93 -3.94
C SER D 23 34.69 1.72 -3.92
N GLY D 24 34.99 0.70 -4.76
CA GLY D 24 34.16 -0.49 -4.81
C GLY D 24 34.61 -1.66 -5.71
N ASN D 25 33.67 -2.55 -6.00
CA ASN D 25 33.92 -3.79 -6.76
C ASN D 25 34.04 -3.57 -8.27
N SER D 26 34.32 -4.68 -8.95
CA SER D 26 34.21 -4.76 -10.40
C SER D 26 32.74 -4.85 -10.83
N SER D 27 31.87 -5.20 -9.88
CA SER D 27 30.43 -5.36 -10.12
C SER D 27 29.69 -4.00 -10.28
N ASN D 28 30.37 -2.91 -9.94
CA ASN D 28 29.80 -1.58 -10.10
C ASN D 28 30.69 -0.62 -10.90
N ILE D 29 31.54 0.14 -10.21
CA ILE D 29 32.18 1.31 -10.79
C ILE D 29 33.35 1.02 -11.73
N GLU D 30 33.61 -0.26 -11.98
CA GLU D 30 34.66 -0.67 -12.90
C GLU D 30 34.25 -0.31 -14.35
N ASN D 31 33.07 -0.79 -14.72
CA ASN D 31 32.57 -0.72 -16.09
C ASN D 31 31.37 0.17 -16.26
N ASN D 32 30.82 0.65 -15.14
CA ASN D 32 29.61 1.46 -15.13
C ASN D 32 29.86 2.91 -14.73
N TYR D 33 28.93 3.80 -15.07
CA TYR D 33 29.11 5.24 -14.82
C TYR D 33 29.08 5.60 -13.34
N VAL D 34 29.67 6.75 -13.01
CA VAL D 34 29.68 7.30 -11.64
C VAL D 34 29.04 8.71 -11.60
N TYR D 35 28.46 9.06 -10.45
CA TYR D 35 27.76 10.33 -10.26
C TYR D 35 28.09 10.90 -8.87
N TRP D 36 28.12 12.22 -8.72
CA TRP D 36 28.38 12.82 -7.40
C TRP D 36 27.31 13.82 -6.99
N TYR D 37 26.98 13.85 -5.70
CA TYR D 37 25.93 14.74 -5.17
C TYR D 37 26.36 15.53 -3.93
N GLN D 38 25.83 16.75 -3.82
CA GLN D 38 26.11 17.63 -2.69
C GLN D 38 24.88 17.73 -1.79
N GLN D 39 25.08 17.65 -0.47
CA GLN D 39 23.95 17.81 0.45
C GLN D 39 24.22 18.76 1.60
N LEU D 40 23.69 19.98 1.47
CA LEU D 40 23.79 21.00 2.51
C LEU D 40 22.94 20.63 3.74
N PRO D 41 23.41 21.01 4.95
CA PRO D 41 22.84 20.59 6.23
C PRO D 41 21.53 19.80 6.09
N GLY D 42 20.43 20.52 5.96
CA GLY D 42 19.13 19.90 5.83
C GLY D 42 18.62 20.40 4.52
N SER D 43 18.75 19.59 3.48
CA SER D 43 18.43 20.01 2.12
C SER D 43 18.44 18.91 1.06
N THR D 44 17.73 19.21 -0.01
CA THR D 44 17.68 18.38 -1.19
C THR D 44 19.09 18.15 -1.73
N PRO D 45 19.48 16.87 -1.91
CA PRO D 45 20.69 16.55 -2.63
C PRO D 45 20.64 17.15 -4.02
N LYS D 46 21.81 17.42 -4.60
CA LYS D 46 21.94 18.16 -5.86
C LYS D 46 23.03 17.52 -6.75
N LEU D 47 22.74 17.38 -8.03
CA LEU D 47 23.63 16.70 -8.97
C LEU D 47 24.86 17.57 -9.26
N LEU D 48 26.06 17.03 -8.99
CA LEU D 48 27.31 17.75 -9.20
C LEU D 48 28.09 17.30 -10.43
N ILE D 49 28.18 15.98 -10.61
CA ILE D 49 28.76 15.35 -11.79
C ILE D 49 28.04 14.05 -12.17
N PHE D 50 28.01 13.76 -13.48
CA PHE D 50 27.49 12.51 -14.02
C PHE D 50 28.47 11.91 -15.02
N ARG D 51 28.38 10.59 -15.18
CA ARG D 51 29.29 9.82 -16.03
C ARG D 51 30.76 10.17 -15.79
N ASP D 52 31.27 9.80 -14.61
CA ASP D 52 32.64 10.09 -14.18
C ASP D 52 33.06 11.57 -14.13
N ASP D 53 32.99 12.30 -15.24
CA ASP D 53 33.51 13.68 -15.20
C ASP D 53 32.62 14.82 -15.71
N GLN D 54 31.40 14.54 -16.14
CA GLN D 54 30.58 15.60 -16.74
C GLN D 54 29.79 16.43 -15.73
N ARG D 55 29.84 17.75 -15.89
CA ARG D 55 29.05 18.67 -15.05
C ARG D 55 27.75 19.11 -15.69
N PRO D 56 26.65 19.09 -14.91
CA PRO D 56 25.40 19.71 -15.35
C PRO D 56 25.57 21.23 -15.45
N SER D 57 25.03 21.79 -16.52
CA SER D 57 25.08 23.23 -16.78
C SER D 57 24.55 24.06 -15.60
N GLY D 58 25.46 24.79 -14.94
CA GLY D 58 25.14 25.57 -13.74
C GLY D 58 25.96 25.15 -12.54
N VAL D 59 27.18 24.66 -12.79
CA VAL D 59 28.09 24.11 -11.76
C VAL D 59 29.54 24.49 -12.13
N PRO D 60 30.24 25.17 -11.20
CA PRO D 60 31.59 25.73 -11.40
C PRO D 60 32.66 24.72 -11.78
N ASP D 61 33.84 25.21 -12.20
CA ASP D 61 34.97 24.36 -12.61
C ASP D 61 35.65 23.67 -11.45
N ARG D 62 35.56 24.32 -10.28
CA ARG D 62 36.18 23.87 -9.02
C ARG D 62 35.98 22.37 -8.79
N PHE D 63 34.75 21.90 -9.02
CA PHE D 63 34.41 20.49 -8.93
C PHE D 63 34.72 19.77 -10.23
N SER D 64 35.46 18.68 -10.12
CA SER D 64 35.67 17.78 -11.25
C SER D 64 35.78 16.33 -10.77
N GLY D 65 35.46 15.39 -11.66
CA GLY D 65 35.47 13.99 -11.28
C GLY D 65 36.46 13.18 -12.09
N SER D 66 36.91 12.07 -11.51
CA SER D 66 37.77 11.13 -12.23
C SER D 66 37.50 9.73 -11.74
N LYS D 67 37.71 8.76 -12.62
CA LYS D 67 37.51 7.37 -12.31
C LYS D 67 38.69 6.60 -12.85
N SER D 68 39.08 5.55 -12.15
CA SER D 68 40.11 4.66 -12.64
C SER D 68 39.96 3.32 -11.96
N GLY D 69 40.02 2.25 -12.76
CA GLY D 69 39.91 0.91 -12.24
C GLY D 69 38.73 0.80 -11.30
N THR D 70 39.00 0.50 -10.05
CA THR D 70 37.94 0.23 -9.09
C THR D 70 37.64 1.39 -8.12
N SER D 71 38.19 2.57 -8.38
CA SER D 71 37.90 3.73 -7.55
C SER D 71 37.69 5.01 -8.33
N ALA D 72 36.93 5.92 -7.73
CA ALA D 72 36.66 7.22 -8.34
C ALA D 72 36.97 8.31 -7.33
N SER D 73 37.10 9.55 -7.80
CA SER D 73 37.35 10.66 -6.90
C SER D 73 36.74 11.96 -7.40
N LEU D 74 36.30 12.77 -6.44
CA LEU D 74 35.81 14.12 -6.68
C LEU D 74 36.78 15.13 -6.08
N ALA D 75 37.18 16.09 -6.90
CA ALA D 75 38.07 17.15 -6.45
C ALA D 75 37.29 18.44 -6.30
N ILE D 76 37.49 19.12 -5.17
CA ILE D 76 36.96 20.45 -4.96
C ILE D 76 38.11 21.46 -4.86
N SER D 77 38.17 22.40 -5.79
CA SER D 77 39.23 23.42 -5.79
C SER D 77 38.70 24.77 -5.31
N GLY D 78 39.61 25.68 -4.96
CA GLY D 78 39.25 27.05 -4.59
C GLY D 78 38.12 27.08 -3.59
N LEU D 79 38.29 26.27 -2.54
CA LEU D 79 37.25 25.97 -1.53
C LEU D 79 36.74 27.16 -0.73
N ARG D 80 35.50 27.56 -0.95
CA ARG D 80 34.87 28.56 -0.09
C ARG D 80 34.03 27.95 1.04
N SER D 81 33.33 28.83 1.78
CA SER D 81 32.54 28.45 2.94
C SER D 81 31.28 27.68 2.53
N GLU D 82 30.67 28.13 1.45
CA GLU D 82 29.43 27.55 0.91
C GLU D 82 29.55 26.05 0.62
N ASP D 83 30.79 25.56 0.55
CA ASP D 83 31.06 24.18 0.15
C ASP D 83 31.03 23.19 1.31
N GLU D 84 30.62 23.66 2.48
CA GLU D 84 30.52 22.79 3.64
C GLU D 84 29.25 21.95 3.57
N ALA D 85 29.41 20.66 3.29
CA ALA D 85 28.28 19.75 3.10
C ALA D 85 28.72 18.29 3.23
N ASP D 86 27.79 17.38 2.91
CA ASP D 86 28.11 15.97 2.74
C ASP D 86 28.16 15.64 1.24
N TYR D 87 29.01 14.71 0.85
CA TYR D 87 29.22 14.41 -0.56
C TYR D 87 29.07 12.93 -0.86
N TYR D 88 28.13 12.60 -1.75
CA TYR D 88 27.85 11.21 -2.09
C TYR D 88 28.18 10.91 -3.53
N CYS D 89 28.99 9.86 -3.73
CA CYS D 89 29.17 9.28 -5.05
C CYS D 89 28.01 8.31 -5.27
N ALA D 90 27.83 7.85 -6.51
CA ALA D 90 26.83 6.82 -6.83
C ALA D 90 27.18 6.14 -8.14
N SER D 91 26.65 4.92 -8.33
CA SER D 91 26.85 4.12 -9.53
C SER D 91 25.73 3.09 -9.78
N TRP D 92 26.00 2.11 -10.64
CA TRP D 92 25.01 1.08 -10.98
C TRP D 92 25.61 -0.30 -10.70
N ASP D 93 24.79 -1.22 -10.23
CA ASP D 93 25.24 -2.59 -10.02
C ASP D 93 24.37 -3.56 -10.81
N ASP D 94 25.00 -4.59 -11.35
CA ASP D 94 24.34 -5.58 -12.18
C ASP D 94 24.65 -7.02 -11.72
N SER D 95 24.86 -7.22 -10.41
CA SER D 95 25.04 -8.56 -9.87
C SER D 95 23.82 -9.41 -10.21
N ARG D 96 22.64 -8.82 -10.02
CA ARG D 96 21.36 -9.51 -10.20
C ARG D 96 20.82 -9.35 -11.63
N GLY D 97 21.72 -9.06 -12.57
CA GLY D 97 21.39 -8.93 -14.00
C GLY D 97 20.29 -7.93 -14.30
N GLY D 98 20.32 -6.80 -13.60
CA GLY D 98 19.40 -5.69 -13.85
C GLY D 98 20.08 -4.42 -13.36
N PRO D 99 19.48 -3.26 -13.65
CA PRO D 99 20.09 -2.00 -13.23
C PRO D 99 19.71 -1.54 -11.80
N ASP D 100 20.53 -1.90 -10.79
CA ASP D 100 20.31 -1.45 -9.41
C ASP D 100 21.19 -0.24 -9.09
N TYR D 101 20.59 0.81 -8.57
CA TYR D 101 21.38 1.97 -8.20
C TYR D 101 21.99 1.75 -6.82
N VAL D 102 23.16 2.33 -6.60
CA VAL D 102 23.78 2.33 -5.29
C VAL D 102 24.42 3.68 -4.99
N PHE D 103 24.22 4.14 -3.75
CA PHE D 103 24.92 5.30 -3.23
C PHE D 103 26.07 4.88 -2.33
N GLY D 104 27.10 5.74 -2.28
CA GLY D 104 28.19 5.60 -1.33
C GLY D 104 27.87 6.07 0.08
N THR D 105 28.79 5.76 1.00
CA THR D 105 28.66 6.00 2.42
C THR D 105 28.45 7.47 2.76
N GLY D 106 29.16 8.34 2.05
CA GLY D 106 29.10 9.79 2.28
C GLY D 106 30.31 10.34 3.00
N THR D 107 30.59 11.61 2.79
CA THR D 107 31.79 12.25 3.31
C THR D 107 31.49 13.64 3.84
N LYS D 108 31.79 13.86 5.13
CA LYS D 108 31.53 15.15 5.75
C LYS D 108 32.67 16.10 5.42
N VAL D 109 32.36 17.13 4.64
CA VAL D 109 33.36 18.10 4.25
C VAL D 109 33.15 19.38 5.04
N THR D 110 34.16 19.72 5.82
CA THR D 110 34.16 20.95 6.61
C THR D 110 35.31 21.90 6.22
N VAL D 111 34.99 23.18 6.17
CA VAL D 111 35.93 24.25 5.84
C VAL D 111 36.36 24.92 7.15
N LEU D 112 37.65 24.77 7.44
CA LEU D 112 38.24 25.24 8.70
C LEU D 112 38.11 26.75 8.92
N GLY D 113 37.44 27.11 10.00
CA GLY D 113 37.40 28.50 10.48
C GLY D 113 37.85 28.56 11.93
N GLN D 114 38.68 27.60 12.32
CA GLN D 114 39.00 27.32 13.70
C GLN D 114 40.18 26.33 13.77
N PRO D 115 41.09 26.50 14.75
CA PRO D 115 42.19 25.52 14.90
C PRO D 115 41.65 24.10 15.04
N LYS D 116 42.38 23.11 14.55
CA LYS D 116 42.02 21.71 14.77
C LYS D 116 42.02 21.33 16.27
N ALA D 117 41.50 20.15 16.58
CA ALA D 117 41.40 19.67 17.97
C ALA D 117 40.94 18.22 18.05
N ASN D 118 41.72 17.40 18.74
CA ASN D 118 41.34 16.02 19.09
C ASN D 118 40.39 15.95 20.31
N PRO D 119 39.63 14.84 20.46
CA PRO D 119 38.59 14.78 21.48
C PRO D 119 39.04 14.24 22.85
N THR D 120 38.36 14.70 23.91
CA THR D 120 38.48 14.12 25.26
C THR D 120 37.42 13.03 25.45
N VAL D 121 37.83 11.85 25.89
CA VAL D 121 36.89 10.75 26.07
C VAL D 121 36.79 10.35 27.52
N THR D 122 35.60 10.49 28.10
CA THR D 122 35.29 9.92 29.42
C THR D 122 34.28 8.79 29.29
N LEU D 123 34.52 7.69 29.99
CA LEU D 123 33.71 6.48 29.83
C LEU D 123 33.19 5.96 31.16
N PHE D 124 31.87 5.86 31.26
CA PHE D 124 31.17 5.39 32.46
C PHE D 124 30.67 3.94 32.30
N PRO D 125 30.92 3.09 33.32
CA PRO D 125 30.38 1.73 33.40
C PRO D 125 28.89 1.78 33.79
N PRO D 126 28.18 0.64 33.71
CA PRO D 126 26.77 0.69 34.11
C PRO D 126 26.67 0.86 35.62
N SER D 127 25.73 1.68 36.07
CA SER D 127 25.56 1.95 37.50
C SER D 127 25.01 0.73 38.21
N SER D 128 25.27 0.63 39.50
CA SER D 128 24.82 -0.49 40.32
C SER D 128 23.30 -0.52 40.43
N GLU D 129 22.72 0.65 40.61
CA GLU D 129 21.28 0.81 40.72
C GLU D 129 20.55 0.29 39.47
N GLU D 130 21.22 0.41 38.33
CA GLU D 130 20.73 -0.09 37.06
C GLU D 130 20.99 -1.59 36.93
N LEU D 131 22.16 -2.03 37.39
CA LEU D 131 22.50 -3.45 37.39
C LEU D 131 21.46 -4.26 38.15
N GLN D 132 21.01 -3.69 39.27
CA GLN D 132 20.02 -4.31 40.13
C GLN D 132 18.60 -4.27 39.52
N ALA D 133 18.40 -3.40 38.53
CA ALA D 133 17.13 -3.29 37.79
C ALA D 133 17.13 -4.03 36.44
N ASN D 134 17.92 -5.10 36.35
CA ASN D 134 17.95 -5.98 35.16
C ASN D 134 18.38 -5.32 33.84
N LYS D 135 19.11 -4.21 33.91
CA LYS D 135 19.49 -3.43 32.72
C LYS D 135 20.90 -2.85 32.79
N ALA D 136 21.61 -2.88 31.67
CA ALA D 136 22.98 -2.39 31.61
C ALA D 136 23.18 -1.43 30.44
N THR D 137 23.94 -0.38 30.69
CA THR D 137 24.23 0.65 29.70
C THR D 137 25.66 1.15 29.89
N LEU D 138 26.46 1.09 28.82
CA LEU D 138 27.75 1.77 28.83
C LEU D 138 27.58 3.15 28.18
N VAL D 139 28.08 4.18 28.84
CA VAL D 139 27.92 5.56 28.37
C VAL D 139 29.28 6.22 28.08
N CYS D 140 29.56 6.40 26.79
CA CYS D 140 30.81 6.99 26.33
C CYS D 140 30.60 8.42 25.83
N LEU D 141 31.52 9.31 26.19
CA LEU D 141 31.33 10.73 25.98
C LEU D 141 32.50 11.40 25.30
N ILE D 142 32.20 12.15 24.25
CA ILE D 142 33.17 12.73 23.36
C ILE D 142 32.98 14.23 23.41
N SER D 143 34.00 14.96 23.83
CA SER D 143 33.91 16.42 23.82
C SER D 143 35.20 17.10 23.41
N ASP D 144 35.05 18.36 22.97
CA ASP D 144 36.16 19.25 22.63
C ASP D 144 36.93 18.82 21.38
N PHE D 145 36.23 18.69 20.25
CA PHE D 145 36.85 18.33 18.96
C PHE D 145 36.41 19.20 17.78
N TYR D 146 37.33 19.43 16.86
CA TYR D 146 37.08 20.16 15.62
C TYR D 146 38.06 19.64 14.57
N PRO D 147 37.55 19.22 13.40
CA PRO D 147 36.17 19.31 12.91
C PRO D 147 35.18 18.36 13.60
N GLY D 148 33.89 18.59 13.36
CA GLY D 148 32.82 17.85 14.00
C GLY D 148 32.37 16.57 13.30
N ALA D 149 33.22 15.54 13.38
CA ALA D 149 32.92 14.23 12.84
C ALA D 149 33.89 13.22 13.41
N VAL D 150 33.36 12.16 14.00
CA VAL D 150 34.16 11.08 14.58
C VAL D 150 33.55 9.70 14.28
N THR D 151 34.33 8.65 14.48
CA THR D 151 33.86 7.29 14.23
C THR D 151 34.00 6.42 15.49
N VAL D 152 32.87 6.06 16.08
CA VAL D 152 32.90 5.30 17.31
C VAL D 152 32.77 3.81 17.03
N ALA D 153 33.78 3.05 17.43
CA ALA D 153 33.67 1.60 17.41
C ALA D 153 33.64 1.09 18.85
N TRP D 154 32.70 0.22 19.16
CA TRP D 154 32.66 -0.46 20.45
C TRP D 154 33.27 -1.84 20.31
N LYS D 155 33.93 -2.32 21.36
CA LYS D 155 34.62 -3.61 21.28
C LYS D 155 34.49 -4.41 22.56
N ALA D 156 34.09 -5.68 22.40
CA ALA D 156 34.08 -6.64 23.50
C ALA D 156 35.36 -7.49 23.45
N ASP D 157 36.35 -7.09 24.25
CA ASP D 157 37.67 -7.74 24.26
C ASP D 157 38.41 -7.53 22.93
N GLY D 158 38.59 -8.61 22.17
CA GLY D 158 39.17 -8.54 20.82
C GLY D 158 38.11 -8.18 19.79
N SER D 159 37.08 -9.04 19.70
CA SER D 159 35.96 -8.83 18.79
C SER D 159 35.29 -7.47 19.00
N PRO D 160 34.95 -6.77 17.89
CA PRO D 160 34.08 -5.60 18.00
C PRO D 160 32.63 -6.01 18.27
N VAL D 161 31.69 -5.11 18.00
CA VAL D 161 30.25 -5.42 18.02
C VAL D 161 29.42 -4.19 17.66
N LYS D 162 28.31 -4.43 16.95
CA LYS D 162 27.41 -3.37 16.51
C LYS D 162 26.02 -3.51 17.17
N ALA D 163 25.90 -4.54 18.01
CA ALA D 163 24.69 -4.79 18.79
C ALA D 163 24.50 -3.74 19.90
N GLY D 164 23.50 -2.87 19.74
CA GLY D 164 23.13 -1.92 20.78
C GLY D 164 23.67 -0.51 20.64
N VAL D 165 24.61 -0.30 19.71
CA VAL D 165 25.22 1.02 19.51
C VAL D 165 24.22 2.06 19.03
N GLU D 166 24.27 3.24 19.64
CA GLU D 166 23.57 4.42 19.15
C GLU D 166 24.47 5.61 19.46
N THR D 167 24.69 6.48 18.47
CA THR D 167 25.67 7.56 18.60
C THR D 167 25.10 8.90 18.13
N THR D 168 25.15 9.93 18.98
CA THR D 168 24.60 11.24 18.63
C THR D 168 25.37 11.97 17.52
N LYS D 169 24.67 12.88 16.85
CA LYS D 169 25.26 13.78 15.87
C LYS D 169 26.08 14.83 16.59
N PRO D 170 27.32 15.06 16.13
CA PRO D 170 28.11 16.11 16.75
C PRO D 170 27.38 17.45 16.73
N SER D 171 27.16 18.00 17.93
CA SER D 171 26.61 19.34 18.14
C SER D 171 27.67 20.27 18.72
N LYS D 172 27.57 21.55 18.41
CA LYS D 172 28.57 22.53 18.84
C LYS D 172 28.22 23.11 20.21
N GLN D 173 29.22 23.17 21.09
CA GLN D 173 29.05 23.74 22.43
C GLN D 173 29.16 25.26 22.40
N SER D 174 29.17 25.88 23.59
CA SER D 174 29.42 27.33 23.69
C SER D 174 30.89 27.61 23.30
N ASN D 175 31.82 26.86 23.91
CA ASN D 175 33.17 26.76 23.38
C ASN D 175 33.07 26.01 22.06
N ASN D 176 33.23 26.74 20.95
CA ASN D 176 32.79 26.27 19.63
C ASN D 176 33.20 24.86 19.17
N LYS D 177 33.96 24.15 20.00
CA LYS D 177 34.29 22.74 19.77
C LYS D 177 33.04 21.85 19.74
N TYR D 178 33.18 20.66 19.15
CA TYR D 178 32.04 19.75 19.00
C TYR D 178 31.98 18.69 20.09
N ALA D 179 30.76 18.21 20.35
CA ALA D 179 30.49 17.20 21.36
C ALA D 179 29.51 16.18 20.81
N ALA D 180 29.75 14.91 21.14
CA ALA D 180 28.85 13.80 20.80
C ALA D 180 28.92 12.75 21.90
N SER D 181 28.07 11.72 21.82
CA SER D 181 28.04 10.65 22.82
C SER D 181 27.53 9.35 22.23
N SER D 182 28.05 8.22 22.73
CA SER D 182 27.68 6.91 22.21
C SER D 182 27.33 5.90 23.30
N TYR D 183 26.24 5.18 23.10
CA TYR D 183 25.71 4.24 24.09
C TYR D 183 25.88 2.79 23.67
N LEU D 184 26.03 1.90 24.64
CA LEU D 184 26.00 0.49 24.37
C LEU D 184 25.15 -0.23 25.40
N SER D 185 24.06 -0.83 24.94
CA SER D 185 23.19 -1.63 25.78
C SER D 185 23.63 -3.07 25.78
N LEU D 186 23.34 -3.77 26.88
CA LEU D 186 23.52 -5.22 26.98
C LEU D 186 22.93 -5.76 28.29
N THR D 187 22.90 -7.09 28.41
CA THR D 187 22.30 -7.76 29.57
C THR D 187 23.21 -7.71 30.81
N PRO D 188 22.62 -7.81 32.03
CA PRO D 188 23.43 -7.94 33.25
C PRO D 188 24.43 -9.10 33.19
N GLU D 189 24.08 -10.14 32.45
CA GLU D 189 24.94 -11.31 32.26
C GLU D 189 25.98 -11.16 31.15
N GLN D 190 25.75 -10.21 30.25
CA GLN D 190 26.77 -9.85 29.26
C GLN D 190 27.94 -9.19 29.98
N TRP D 191 27.60 -8.20 30.81
CA TRP D 191 28.59 -7.39 31.55
C TRP D 191 29.50 -8.24 32.42
N LYS D 192 28.90 -9.19 33.13
CA LYS D 192 29.62 -10.08 34.02
C LYS D 192 30.51 -11.07 33.25
N SER D 193 30.06 -11.45 32.05
CA SER D 193 30.70 -12.50 31.23
C SER D 193 32.08 -12.14 30.66
N HIS D 194 32.35 -10.84 30.47
CA HIS D 194 33.53 -10.41 29.73
C HIS D 194 34.58 -9.68 30.58
N ARG D 195 35.81 -9.62 30.06
CA ARG D 195 36.91 -8.93 30.73
C ARG D 195 36.86 -7.42 30.53
N SER D 196 36.73 -7.02 29.27
CA SER D 196 36.90 -5.63 28.87
C SER D 196 35.78 -5.17 27.97
N TYR D 197 35.43 -3.89 28.11
CA TYR D 197 34.64 -3.20 27.13
C TYR D 197 35.32 -1.87 26.83
N SER D 198 35.44 -1.56 25.54
CA SER D 198 36.16 -0.37 25.13
C SER D 198 35.32 0.52 24.22
N CYS D 199 35.41 1.82 24.44
CA CYS D 199 34.84 2.83 23.56
C CYS D 199 35.98 3.45 22.77
N GLN D 200 36.01 3.20 21.46
CA GLN D 200 37.14 3.56 20.60
C GLN D 200 36.74 4.66 19.61
N VAL D 201 37.44 5.80 19.69
CA VAL D 201 37.07 7.00 18.92
C VAL D 201 38.14 7.39 17.91
N THR D 202 37.71 7.66 16.68
CA THR D 202 38.60 8.06 15.59
C THR D 202 38.27 9.47 15.10
N HIS D 203 39.29 10.29 14.91
CA HIS D 203 39.12 11.68 14.47
C HIS D 203 40.32 12.09 13.62
N GLU D 204 40.05 12.54 12.39
CA GLU D 204 41.09 12.92 11.41
C GLU D 204 42.47 12.30 11.75
N GLY D 205 42.58 10.99 11.53
CA GLY D 205 43.84 10.28 11.71
C GLY D 205 43.99 9.65 13.08
N SER D 206 43.67 10.42 14.12
CA SER D 206 43.92 10.05 15.51
C SER D 206 42.83 9.18 16.13
N THR D 207 43.22 8.10 16.79
CA THR D 207 42.29 7.17 17.46
C THR D 207 42.64 6.99 18.94
N VAL D 208 41.80 7.51 19.83
CA VAL D 208 41.96 7.30 21.29
C VAL D 208 41.09 6.14 21.79
N GLU D 209 41.34 5.70 23.02
CA GLU D 209 40.60 4.58 23.58
C GLU D 209 40.43 4.65 25.11
N LYS D 210 39.24 4.28 25.58
CA LYS D 210 39.00 4.07 27.01
C LYS D 210 38.42 2.68 27.24
N THR D 211 38.68 2.13 28.42
CA THR D 211 38.28 0.76 28.75
C THR D 211 37.62 0.69 30.13
N VAL D 212 36.60 -0.16 30.25
CA VAL D 212 35.94 -0.41 31.54
C VAL D 212 35.80 -1.92 31.83
N ALA D 213 35.52 -2.22 33.09
CA ALA D 213 35.45 -3.59 33.60
C ALA D 213 34.75 -3.59 34.97
N PRO D 214 34.36 -4.79 35.48
CA PRO D 214 33.83 -4.87 36.86
C PRO D 214 34.78 -4.27 37.92
N THR D 215 34.21 -3.61 38.93
CA THR D 215 34.98 -2.85 39.94
C THR D 215 35.66 -1.62 39.32
N GLN E 1 8.62 25.74 -15.95
CA GLN E 1 9.55 24.61 -16.25
C GLN E 1 9.48 23.50 -15.17
N VAL E 2 10.15 22.37 -15.44
CA VAL E 2 10.00 21.12 -14.66
C VAL E 2 10.11 21.26 -13.15
N GLN E 3 9.23 20.56 -12.45
CA GLN E 3 9.28 20.43 -11.00
C GLN E 3 8.86 19.02 -10.60
N LEU E 4 9.37 18.58 -9.45
CA LEU E 4 8.80 17.43 -8.77
C LEU E 4 8.36 17.93 -7.42
N VAL E 5 7.06 17.87 -7.12
CA VAL E 5 6.60 18.23 -5.77
C VAL E 5 6.10 16.99 -5.03
N GLN E 6 6.51 16.89 -3.77
CA GLN E 6 6.13 15.78 -2.92
C GLN E 6 5.14 16.28 -1.87
N SER E 7 4.32 15.37 -1.36
CA SER E 7 3.34 15.68 -0.31
C SER E 7 3.97 16.13 1.02
N GLY E 8 3.15 16.69 1.90
CA GLY E 8 3.61 17.23 3.18
C GLY E 8 3.98 16.20 4.24
N ALA E 9 4.52 16.71 5.34
CA ALA E 9 5.10 15.94 6.45
C ALA E 9 4.10 15.00 7.12
N GLU E 10 4.54 13.79 7.46
CA GLU E 10 3.63 12.78 7.99
C GLU E 10 4.11 12.15 9.31
N VAL E 11 3.27 12.26 10.34
CA VAL E 11 3.55 11.64 11.64
C VAL E 11 2.58 10.48 11.86
N LYS E 12 3.10 9.29 12.11
CA LYS E 12 2.27 8.08 12.26
C LYS E 12 2.69 7.19 13.44
N LYS E 13 1.87 6.18 13.70
CA LYS E 13 2.17 5.11 14.68
C LYS E 13 2.57 3.83 13.92
N ALA E 14 3.36 2.98 14.55
CA ALA E 14 3.68 1.67 13.98
C ALA E 14 2.38 0.92 13.74
N GLY E 15 2.33 0.11 12.68
CA GLY E 15 1.13 -0.63 12.35
C GLY E 15 0.21 0.06 11.34
N GLU E 16 0.24 1.40 11.29
CA GLU E 16 -0.58 2.18 10.36
C GLU E 16 -0.12 2.06 8.90
N SER E 17 -0.99 2.45 7.97
CA SER E 17 -0.71 2.38 6.53
C SER E 17 -0.46 3.79 6.02
N LEU E 18 0.25 3.92 4.89
CA LEU E 18 0.66 5.24 4.38
C LEU E 18 1.06 5.26 2.91
N GLU E 19 0.69 6.33 2.23
CA GLU E 19 1.24 6.68 0.93
C GLU E 19 1.81 8.09 0.99
N ILE E 20 2.87 8.32 0.22
CA ILE E 20 3.35 9.67 0.01
C ILE E 20 3.47 9.83 -1.49
N SER E 21 3.18 11.03 -1.97
CA SER E 21 3.07 11.26 -3.39
C SER E 21 4.20 12.14 -3.94
N CYS E 22 4.47 11.96 -5.23
CA CYS E 22 5.43 12.80 -5.95
C CYS E 22 4.90 13.13 -7.35
N LYS E 23 4.48 14.39 -7.53
CA LYS E 23 3.88 14.81 -8.79
C LYS E 23 4.83 15.58 -9.69
N GLY E 24 4.96 15.10 -10.92
CA GLY E 24 5.83 15.72 -11.91
C GLY E 24 5.06 16.48 -12.96
N SER E 25 5.11 17.81 -12.84
CA SER E 25 4.58 18.73 -13.85
C SER E 25 5.71 19.20 -14.77
N GLY E 26 5.35 19.92 -15.83
CA GLY E 26 6.32 20.55 -16.74
C GLY E 26 7.07 19.63 -17.67
N TYR E 27 6.54 18.42 -17.91
CA TYR E 27 7.14 17.45 -18.84
C TYR E 27 6.23 16.23 -18.98
N THR E 28 6.50 15.39 -19.99
CA THR E 28 5.71 14.18 -20.17
C THR E 28 6.13 13.14 -19.14
N PHE E 29 5.30 12.98 -18.12
CA PHE E 29 5.52 12.06 -16.99
C PHE E 29 5.70 10.61 -17.44
N THR E 30 4.80 10.15 -18.31
CA THR E 30 4.82 8.81 -18.90
C THR E 30 6.21 8.32 -19.34
N ASP E 31 7.11 9.25 -19.63
CA ASP E 31 8.36 8.95 -20.33
C ASP E 31 9.57 8.52 -19.50
N HIS E 32 9.63 8.88 -18.23
CA HIS E 32 10.88 8.68 -17.47
C HIS E 32 10.73 8.07 -16.08
N TRP E 33 11.70 7.22 -15.73
CA TRP E 33 11.78 6.59 -14.42
C TRP E 33 11.79 7.59 -13.27
N ILE E 34 11.06 7.25 -12.20
CA ILE E 34 11.06 7.96 -10.94
C ILE E 34 11.65 7.03 -9.88
N ALA E 35 12.63 7.54 -9.13
CA ALA E 35 13.28 6.78 -8.10
C ALA E 35 12.85 7.25 -6.73
N TRP E 36 12.86 6.33 -5.78
CA TRP E 36 12.59 6.67 -4.41
C TRP E 36 13.84 6.49 -3.55
N VAL E 37 14.27 7.58 -2.92
CA VAL E 37 15.47 7.59 -2.09
C VAL E 37 15.10 7.79 -0.62
N ARG E 38 15.68 6.97 0.26
CA ARG E 38 15.42 6.99 1.71
C ARG E 38 16.60 7.59 2.48
N GLN E 39 16.32 8.35 3.54
CA GLN E 39 17.40 8.84 4.43
C GLN E 39 17.00 9.07 5.89
N VAL E 40 17.56 8.24 6.77
CA VAL E 40 17.29 8.30 8.21
C VAL E 40 18.13 9.41 8.82
N PRO E 41 17.53 10.28 9.66
CA PRO E 41 18.22 11.40 10.30
C PRO E 41 19.69 11.08 10.65
N GLY E 42 20.62 11.79 10.03
CA GLY E 42 22.05 11.53 10.24
C GLY E 42 22.56 10.17 9.76
N LYS E 43 22.13 9.74 8.58
CA LYS E 43 22.72 8.61 7.89
C LYS E 43 22.80 8.97 6.42
N GLY E 44 23.30 8.04 5.60
CA GLY E 44 23.44 8.28 4.16
C GLY E 44 22.16 8.18 3.32
N LEU E 45 22.35 8.11 2.01
CA LEU E 45 21.25 8.07 1.06
C LEU E 45 21.08 6.65 0.59
N GLU E 46 19.85 6.16 0.62
CA GLU E 46 19.53 4.81 0.13
C GLU E 46 18.62 4.79 -1.09
N TRP E 47 19.03 4.06 -2.11
CA TRP E 47 18.18 3.80 -3.26
C TRP E 47 17.22 2.66 -2.93
N MET E 48 15.92 2.97 -2.95
CA MET E 48 14.88 2.01 -2.65
C MET E 48 14.43 1.25 -3.89
N GLY E 49 14.51 1.91 -5.05
CA GLY E 49 13.97 1.39 -6.30
C GLY E 49 13.34 2.48 -7.16
N MET E 50 12.60 2.06 -8.19
CA MET E 50 12.01 2.97 -9.19
C MET E 50 10.88 2.36 -10.04
N ILE E 51 9.88 3.17 -10.40
CA ILE E 51 8.86 2.80 -11.40
C ILE E 51 9.07 3.51 -12.72
N TYR E 52 8.65 2.84 -13.78
CA TYR E 52 8.46 3.49 -15.06
C TYR E 52 6.96 3.73 -15.27
N PRO E 53 6.50 4.99 -15.07
CA PRO E 53 5.08 5.31 -15.08
C PRO E 53 4.43 5.32 -16.47
N GLY E 54 4.50 4.19 -17.17
CA GLY E 54 3.96 4.09 -18.52
C GLY E 54 3.53 2.67 -18.75
N ASP E 55 3.95 1.80 -17.85
CA ASP E 55 3.61 0.40 -17.82
C ASP E 55 3.86 -0.08 -16.40
N SER E 56 4.09 0.86 -15.49
CA SER E 56 4.15 0.60 -14.05
C SER E 56 5.12 -0.52 -13.66
N ASP E 57 6.19 -0.64 -14.44
CA ASP E 57 7.26 -1.59 -14.20
C ASP E 57 8.04 -1.10 -13.00
N THR E 58 8.43 -2.00 -12.10
CA THR E 58 9.20 -1.62 -10.91
C THR E 58 10.48 -2.43 -10.78
N ARG E 59 11.48 -1.84 -10.12
CA ARG E 59 12.67 -2.54 -9.67
C ARG E 59 13.01 -2.02 -8.27
N TYR E 60 12.96 -2.95 -7.30
CA TYR E 60 13.11 -2.59 -5.91
C TYR E 60 14.47 -3.00 -5.41
N SER E 61 15.04 -2.19 -4.53
CA SER E 61 16.25 -2.55 -3.80
C SER E 61 15.98 -3.92 -3.18
N PRO E 62 16.98 -4.83 -3.23
CA PRO E 62 16.77 -6.15 -2.63
C PRO E 62 16.39 -6.00 -1.16
N SER E 63 16.88 -4.95 -0.51
CA SER E 63 16.69 -4.77 0.93
C SER E 63 15.34 -4.15 1.32
N LEU E 64 14.37 -4.18 0.41
CA LEU E 64 12.97 -4.02 0.79
C LEU E 64 12.40 -5.42 0.93
N GLN E 65 11.42 -5.58 1.81
CA GLN E 65 10.62 -6.80 1.81
C GLN E 65 9.29 -6.44 1.15
N GLY E 66 8.49 -7.45 0.83
CA GLY E 66 7.15 -7.23 0.26
C GLY E 66 6.26 -6.19 0.94
N ARG E 67 6.78 -5.57 2.00
CA ARG E 67 6.02 -4.63 2.84
C ARG E 67 5.91 -3.20 2.30
N VAL E 68 6.85 -2.82 1.42
CA VAL E 68 6.88 -1.46 0.82
C VAL E 68 6.93 -1.50 -0.71
N THR E 69 5.99 -0.78 -1.35
CA THR E 69 5.85 -0.78 -2.82
C THR E 69 5.73 0.61 -3.45
N MET E 70 5.65 0.62 -4.78
CA MET E 70 5.55 1.83 -5.60
C MET E 70 4.43 1.72 -6.62
N SER E 71 3.72 2.83 -6.82
CA SER E 71 2.65 2.89 -7.82
C SER E 71 2.69 4.22 -8.56
N ALA E 72 2.03 4.24 -9.72
CA ALA E 72 2.06 5.39 -10.61
C ALA E 72 0.73 5.64 -11.34
N ASP E 73 0.15 6.82 -11.11
CA ASP E 73 -1.05 7.22 -11.80
C ASP E 73 -0.75 8.06 -13.04
N LYS E 74 -0.97 7.45 -14.21
CA LYS E 74 -0.88 8.16 -15.49
C LYS E 74 -1.73 9.41 -15.47
N THR E 75 -2.96 9.28 -14.95
CA THR E 75 -3.92 10.38 -14.93
C THR E 75 -3.38 11.60 -14.20
N LEU E 76 -2.97 11.40 -12.94
CA LEU E 76 -2.53 12.49 -12.07
C LEU E 76 -1.03 12.76 -12.17
N SER E 77 -0.37 12.12 -13.13
CA SER E 77 1.08 12.30 -13.36
C SER E 77 1.87 12.37 -12.04
N THR E 78 1.64 11.37 -11.21
CA THR E 78 2.19 11.32 -9.86
C THR E 78 2.67 9.90 -9.57
N ALA E 79 3.77 9.82 -8.82
CA ALA E 79 4.26 8.55 -8.31
C ALA E 79 4.03 8.40 -6.81
N TYR E 80 3.77 7.17 -6.38
CA TYR E 80 3.44 6.87 -5.00
C TYR E 80 4.40 5.86 -4.40
N LEU E 81 4.66 6.05 -3.11
CA LEU E 81 5.41 5.11 -2.30
C LEU E 81 4.45 4.65 -1.21
N GLN E 82 4.41 3.35 -0.96
CA GLN E 82 3.30 2.77 -0.22
C GLN E 82 3.73 1.77 0.83
N TRP E 83 3.11 1.87 2.01
CA TRP E 83 3.30 0.89 3.09
C TRP E 83 1.97 0.33 3.54
N SER E 84 1.87 -1.00 3.54
CA SER E 84 0.78 -1.70 4.23
C SER E 84 0.77 -1.39 5.73
N ARG E 85 1.87 -1.73 6.40
CA ARG E 85 1.99 -1.54 7.83
C ARG E 85 3.35 -0.95 8.17
N LEU E 86 3.34 0.22 8.76
CA LEU E 86 4.57 0.91 9.11
C LEU E 86 5.35 0.23 10.26
N GLU E 87 6.67 0.21 10.11
CA GLU E 87 7.63 -0.05 11.20
C GLU E 87 8.22 1.30 11.65
N ALA E 88 8.89 1.29 12.79
CA ALA E 88 9.58 2.49 13.31
C ALA E 88 10.77 2.82 12.42
N SER E 89 11.40 1.76 11.92
CA SER E 89 12.57 1.90 11.08
C SER E 89 12.26 2.62 9.76
N ASP E 90 10.99 2.84 9.48
CA ASP E 90 10.56 3.60 8.30
C ASP E 90 10.68 5.14 8.49
N THR E 91 11.05 5.58 9.68
CA THR E 91 11.27 6.98 9.96
C THR E 91 12.45 7.43 9.09
N ALA E 92 12.24 8.50 8.30
CA ALA E 92 13.23 9.02 7.36
C ALA E 92 12.73 10.26 6.59
N MET E 93 13.65 10.97 5.93
CA MET E 93 13.26 11.85 4.85
C MET E 93 13.33 11.06 3.56
N TYR E 94 12.23 11.09 2.79
CA TYR E 94 12.15 10.37 1.54
C TYR E 94 12.24 11.34 0.37
N TYR E 95 13.18 11.04 -0.53
CA TYR E 95 13.36 11.83 -1.74
C TYR E 95 12.80 11.17 -3.02
N CYS E 96 12.09 12.00 -3.77
CA CYS E 96 11.68 11.70 -5.13
C CYS E 96 12.78 12.19 -6.09
N ALA E 97 13.05 11.45 -7.17
CA ALA E 97 14.03 11.88 -8.19
C ALA E 97 13.74 11.31 -9.59
N ARG E 98 13.87 12.12 -10.64
CA ARG E 98 13.67 11.59 -12.00
C ARG E 98 14.93 11.38 -12.83
N LEU E 99 14.88 10.31 -13.60
CA LEU E 99 16.01 9.81 -14.32
C LEU E 99 16.03 10.44 -15.70
N HIS E 100 16.62 11.65 -15.79
CA HIS E 100 16.77 12.39 -17.05
C HIS E 100 17.61 13.67 -16.92
N TYR E 101 18.48 13.88 -17.91
CA TYR E 101 19.18 15.15 -18.08
C TYR E 101 19.41 15.44 -19.55
N SER E 102 19.37 16.72 -19.90
CA SER E 102 19.63 17.17 -21.25
C SER E 102 20.35 18.52 -21.22
N ASP E 103 21.59 18.54 -21.71
CA ASP E 103 22.40 19.76 -21.79
C ASP E 103 21.95 20.70 -22.92
N ARG E 104 22.51 21.91 -22.95
CA ARG E 104 22.14 22.92 -23.96
C ARG E 104 22.16 22.35 -25.37
N SER E 105 23.22 21.58 -25.66
CA SER E 105 23.43 20.90 -26.94
C SER E 105 22.26 19.99 -27.36
N GLY E 106 21.39 19.65 -26.39
CA GLY E 106 20.24 18.80 -26.64
C GLY E 106 20.57 17.31 -26.68
N SER E 107 21.75 16.94 -26.17
CA SER E 107 22.09 15.54 -25.93
C SER E 107 21.33 15.06 -24.71
N TYR E 108 20.66 13.92 -24.84
CA TYR E 108 19.87 13.41 -23.74
C TYR E 108 20.61 12.30 -23.03
N PHE E 109 20.60 12.37 -21.70
CA PHE E 109 21.16 11.32 -20.85
C PHE E 109 20.04 10.72 -20.01
N ASN E 110 19.93 9.41 -20.14
CA ASN E 110 18.78 8.63 -19.66
C ASN E 110 19.05 7.98 -18.31
N ASP E 111 20.18 8.34 -17.71
CA ASP E 111 20.66 7.67 -16.52
C ASP E 111 21.02 8.62 -15.39
N VAL E 112 20.66 9.90 -15.54
CA VAL E 112 21.08 10.95 -14.62
C VAL E 112 19.95 11.43 -13.71
N PHE E 113 20.18 11.36 -12.41
CA PHE E 113 19.24 11.88 -11.44
C PHE E 113 19.46 13.38 -11.22
N HIS E 114 19.04 14.18 -12.19
CA HIS E 114 19.22 15.63 -12.13
C HIS E 114 18.16 16.33 -11.29
N MET E 115 16.90 15.90 -11.44
CA MET E 115 15.75 16.55 -10.81
C MET E 115 15.27 15.84 -9.54
N TRP E 116 15.14 16.59 -8.45
CA TRP E 116 14.77 16.04 -7.14
C TRP E 116 13.59 16.76 -6.55
N GLY E 117 12.75 16.00 -5.83
CA GLY E 117 11.70 16.59 -5.02
C GLY E 117 12.31 17.23 -3.79
N GLN E 118 11.54 18.07 -3.11
CA GLN E 118 12.02 18.75 -1.91
C GLN E 118 12.12 17.80 -0.73
N GLY E 119 11.50 16.63 -0.83
CA GLY E 119 11.58 15.62 0.21
C GLY E 119 10.36 15.65 1.10
N THR E 120 9.99 14.48 1.64
CA THR E 120 8.86 14.37 2.55
C THR E 120 9.35 13.77 3.85
N THR E 121 9.07 14.44 4.97
CA THR E 121 9.55 13.98 6.26
C THR E 121 8.52 13.04 6.90
N VAL E 122 8.97 11.85 7.27
CA VAL E 122 8.07 10.79 7.69
C VAL E 122 8.56 10.21 9.01
N THR E 123 7.76 10.40 10.06
CA THR E 123 8.15 10.06 11.44
C THR E 123 7.22 8.97 11.97
N VAL E 124 7.78 7.87 12.46
CA VAL E 124 6.96 6.72 12.88
C VAL E 124 7.31 6.27 14.29
N SER E 125 6.39 6.55 15.21
CA SER E 125 6.56 6.27 16.64
C SER E 125 6.07 4.89 17.04
N SER E 126 6.83 4.20 17.91
CA SER E 126 6.56 2.79 18.23
C SER E 126 6.37 2.47 19.73
N ALA E 127 5.83 3.42 20.49
CA ALA E 127 5.67 3.27 21.94
C ALA E 127 4.87 4.38 22.62
N SER E 128 4.11 3.98 23.64
CA SER E 128 3.39 4.88 24.56
C SER E 128 4.32 5.72 25.44
N THR E 129 3.81 6.88 25.86
CA THR E 129 4.59 7.85 26.63
C THR E 129 4.93 7.30 28.02
N LYS E 130 6.22 7.15 28.29
CA LYS E 130 6.70 6.66 29.58
C LYS E 130 7.56 7.71 30.27
N GLY E 131 7.57 7.69 31.60
CA GLY E 131 8.50 8.49 32.38
C GLY E 131 9.89 7.87 32.32
N PRO E 132 10.93 8.69 32.54
CA PRO E 132 12.30 8.19 32.53
C PRO E 132 12.66 7.44 33.80
N SER E 133 13.59 6.50 33.70
CA SER E 133 14.20 5.88 34.87
C SER E 133 15.67 6.34 34.97
N VAL E 134 15.97 7.11 36.00
CA VAL E 134 17.26 7.79 36.15
C VAL E 134 18.28 6.92 36.88
N PHE E 135 19.54 7.01 36.47
CA PHE E 135 20.64 6.25 37.10
C PHE E 135 21.86 7.15 37.31
N PRO E 136 22.64 6.88 38.39
CA PRO E 136 23.75 7.77 38.70
C PRO E 136 25.02 7.41 37.93
N LEU E 137 25.72 8.43 37.43
CA LEU E 137 27.01 8.21 36.80
C LEU E 137 28.15 8.57 37.78
N ALA E 138 28.58 7.54 38.49
CA ALA E 138 29.43 7.68 39.68
C ALA E 138 30.83 8.19 39.39
N PRO E 139 31.30 9.18 40.16
CA PRO E 139 32.67 9.66 40.08
C PRO E 139 33.65 8.60 40.57
N SER E 140 34.77 8.47 39.86
CA SER E 140 35.78 7.46 40.16
C SER E 140 37.19 8.02 39.96
N SER E 141 38.17 7.20 40.32
CA SER E 141 39.57 7.45 39.94
C SER E 141 39.64 7.56 38.43
N LYS E 142 39.00 6.60 37.74
CA LYS E 142 38.88 6.56 36.29
C LYS E 142 38.22 7.83 35.70
N SER E 143 37.39 8.52 36.47
CA SER E 143 36.74 9.75 36.00
C SER E 143 37.32 11.05 36.55
N THR E 144 38.41 10.96 37.32
CA THR E 144 39.05 12.13 37.92
C THR E 144 40.39 12.48 37.24
N SER E 145 40.50 13.73 36.80
CA SER E 145 41.65 14.20 36.02
C SER E 145 42.27 15.45 36.67
N GLY E 146 43.31 15.23 37.48
CA GLY E 146 43.90 16.30 38.28
C GLY E 146 42.94 16.82 39.34
N GLY E 147 42.85 18.13 39.46
CA GLY E 147 42.02 18.78 40.48
C GLY E 147 40.52 18.72 40.24
N THR E 148 40.10 18.09 39.13
CA THR E 148 38.69 18.02 38.73
C THR E 148 38.21 16.62 38.37
N ALA E 149 36.89 16.40 38.51
CA ALA E 149 36.28 15.10 38.31
C ALA E 149 34.92 15.24 37.64
N ALA E 150 34.53 14.20 36.92
CA ALA E 150 33.29 14.17 36.14
C ALA E 150 32.26 13.18 36.69
N LEU E 151 31.01 13.62 36.78
CA LEU E 151 29.91 12.76 37.23
C LEU E 151 28.62 13.19 36.56
N GLY E 152 27.63 12.30 36.46
CA GLY E 152 26.37 12.68 35.85
C GLY E 152 25.12 11.84 36.15
N CYS E 153 24.11 12.04 35.33
CA CYS E 153 22.87 11.26 35.39
C CYS E 153 22.54 10.67 34.03
N LEU E 154 22.40 9.35 34.01
CA LEU E 154 21.87 8.67 32.84
C LEU E 154 20.35 8.57 32.92
N VAL E 155 19.68 9.30 32.03
CA VAL E 155 18.22 9.39 32.01
C VAL E 155 17.73 8.55 30.85
N LYS E 156 17.27 7.33 31.11
CA LYS E 156 16.98 6.40 30.02
C LYS E 156 15.54 5.87 29.98
N ASP E 157 15.15 5.38 28.80
CA ASP E 157 13.82 4.79 28.54
C ASP E 157 12.68 5.76 28.81
N TYR E 158 12.64 6.86 28.06
CA TYR E 158 11.54 7.82 28.17
C TYR E 158 10.93 8.19 26.82
N PHE E 159 9.66 8.61 26.86
CA PHE E 159 8.93 9.06 25.67
C PHE E 159 7.78 9.99 26.07
N PRO E 160 7.55 11.06 25.29
CA PRO E 160 8.36 11.51 24.16
C PRO E 160 9.42 12.49 24.65
N GLU E 161 10.21 13.04 23.74
CA GLU E 161 11.03 14.20 24.09
C GLU E 161 10.08 15.35 24.46
N PRO E 162 10.57 16.33 25.24
CA PRO E 162 11.90 16.46 25.82
C PRO E 162 11.99 16.11 27.31
N VAL E 163 13.11 16.48 27.92
CA VAL E 163 13.35 16.25 29.33
C VAL E 163 14.34 17.33 29.77
N THR E 164 14.02 18.07 30.82
CA THR E 164 14.95 19.07 31.34
C THR E 164 15.72 18.51 32.53
N VAL E 165 16.96 18.95 32.70
CA VAL E 165 17.79 18.47 33.79
C VAL E 165 18.45 19.63 34.53
N SER E 166 18.21 19.73 35.83
CA SER E 166 18.96 20.66 36.66
C SER E 166 19.82 19.89 37.66
N TRP E 167 20.86 20.56 38.16
CA TRP E 167 21.73 19.99 39.17
C TRP E 167 21.60 20.84 40.44
N ASN E 168 21.34 20.19 41.57
CA ASN E 168 21.18 20.90 42.84
C ASN E 168 20.21 22.08 42.73
N SER E 169 18.99 21.79 42.26
CA SER E 169 17.91 22.76 42.12
C SER E 169 18.25 23.95 41.22
N GLY E 170 19.31 23.84 40.43
CA GLY E 170 19.73 24.93 39.56
C GLY E 170 20.60 25.93 40.28
N ALA E 171 21.19 25.50 41.39
CA ALA E 171 22.20 26.28 42.08
C ALA E 171 23.55 26.11 41.38
N LEU E 172 23.87 24.87 41.00
CA LEU E 172 25.10 24.58 40.28
C LEU E 172 24.91 24.75 38.76
N THR E 173 25.58 25.76 38.20
CA THR E 173 25.38 26.13 36.81
C THR E 173 26.61 25.82 35.97
N SER E 174 27.78 26.11 36.53
CA SER E 174 29.06 25.95 35.84
C SER E 174 29.41 24.48 35.59
N GLY E 175 30.12 24.23 34.48
CA GLY E 175 30.63 22.90 34.16
C GLY E 175 29.57 21.86 33.88
N VAL E 176 28.34 22.30 33.63
CA VAL E 176 27.23 21.40 33.30
C VAL E 176 27.20 21.14 31.80
N HIS E 177 27.11 19.87 31.42
CA HIS E 177 26.87 19.56 30.02
C HIS E 177 25.84 18.45 29.83
N THR E 178 24.62 18.86 29.49
CA THR E 178 23.55 17.93 29.13
C THR E 178 23.65 17.61 27.64
N PHE E 179 23.76 16.32 27.32
CA PHE E 179 24.00 15.87 25.95
C PHE E 179 22.71 15.60 25.16
N PRO E 180 22.77 15.73 23.82
CA PRO E 180 21.62 15.38 22.98
C PRO E 180 21.18 13.95 23.24
N ALA E 181 19.93 13.64 22.95
CA ALA E 181 19.36 12.34 23.27
C ALA E 181 19.59 11.27 22.20
N VAL E 182 19.41 10.02 22.60
CA VAL E 182 19.50 8.88 21.71
C VAL E 182 18.13 8.18 21.58
N LEU E 183 17.67 7.93 20.35
CA LEU E 183 16.51 7.04 20.17
C LEU E 183 17.00 5.60 20.08
N GLN E 184 16.58 4.78 21.03
CA GLN E 184 16.94 3.36 21.04
C GLN E 184 16.10 2.60 20.03
N SER E 185 16.53 1.38 19.73
CA SER E 185 15.82 0.52 18.79
C SER E 185 14.43 0.15 19.30
N SER E 186 14.27 0.16 20.63
CA SER E 186 12.98 -0.12 21.28
C SER E 186 11.99 1.05 21.19
N GLY E 187 12.41 2.13 20.53
CA GLY E 187 11.56 3.32 20.37
C GLY E 187 11.60 4.17 21.62
N LEU E 188 12.39 3.74 22.61
CA LEU E 188 12.61 4.52 23.82
C LEU E 188 13.86 5.40 23.73
N TYR E 189 13.77 6.60 24.28
CA TYR E 189 14.90 7.55 24.35
C TYR E 189 15.81 7.34 25.57
N SER E 190 16.96 7.99 25.54
CA SER E 190 17.92 8.05 26.65
C SER E 190 18.78 9.30 26.44
N LEU E 191 19.17 9.97 27.53
CA LEU E 191 20.22 10.99 27.47
C LEU E 191 21.09 10.97 28.74
N SER E 192 22.19 11.73 28.69
CA SER E 192 23.09 11.88 29.82
C SER E 192 23.46 13.33 30.07
N SER E 193 23.35 13.75 31.33
CA SER E 193 23.83 15.06 31.72
C SER E 193 24.99 14.89 32.70
N VAL E 194 26.17 15.27 32.25
CA VAL E 194 27.38 15.10 33.04
C VAL E 194 27.89 16.45 33.55
N VAL E 195 28.26 16.50 34.83
CA VAL E 195 28.79 17.72 35.44
C VAL E 195 30.23 17.51 35.94
N THR E 196 31.01 18.60 35.91
CA THR E 196 32.44 18.57 36.21
C THR E 196 32.75 19.47 37.40
N VAL E 197 33.29 18.86 38.47
CA VAL E 197 33.47 19.56 39.75
C VAL E 197 34.90 19.38 40.30
N PRO E 198 35.26 20.15 41.37
CA PRO E 198 36.56 19.93 42.00
C PRO E 198 36.62 18.55 42.67
N SER E 199 37.76 17.87 42.58
CA SER E 199 37.89 16.53 43.13
C SER E 199 37.91 16.50 44.65
N SER E 200 38.28 17.64 45.24
CA SER E 200 38.40 17.81 46.69
C SER E 200 37.06 17.97 47.42
N SER E 201 35.97 18.11 46.68
CA SER E 201 34.64 18.28 47.27
C SER E 201 33.85 16.98 47.23
N LEU E 202 34.43 15.99 46.58
CA LEU E 202 33.74 14.72 46.32
C LEU E 202 33.18 14.01 47.56
N GLY E 203 33.72 14.33 48.73
CA GLY E 203 33.21 13.78 49.98
C GLY E 203 32.68 14.84 50.92
N THR E 204 32.50 16.06 50.39
CA THR E 204 32.15 17.25 51.19
C THR E 204 30.83 17.86 50.73
N GLN E 205 30.76 18.20 49.45
CA GLN E 205 29.59 18.81 48.82
C GLN E 205 28.68 17.74 48.20
N THR E 206 27.37 17.97 48.21
CA THR E 206 26.40 17.00 47.69
C THR E 206 26.02 17.27 46.23
N TYR E 207 25.69 16.20 45.50
CA TYR E 207 25.29 16.33 44.09
C TYR E 207 23.99 15.59 43.73
N ILE E 208 22.96 16.39 43.43
CA ILE E 208 21.64 15.88 43.06
C ILE E 208 21.30 16.35 41.64
N CYS E 209 20.84 15.41 40.80
CA CYS E 209 20.28 15.83 39.51
C CYS E 209 18.74 15.78 39.52
N ASN E 210 18.13 16.75 38.82
CA ASN E 210 16.69 16.93 38.80
C ASN E 210 16.09 16.74 37.40
N VAL E 211 15.60 15.53 37.13
CA VAL E 211 15.05 15.20 35.82
C VAL E 211 13.56 15.51 35.75
N ASN E 212 13.18 16.37 34.81
CA ASN E 212 11.80 16.81 34.64
C ASN E 212 11.25 16.37 33.28
N HIS E 213 10.13 15.64 33.29
CA HIS E 213 9.51 15.14 32.06
C HIS E 213 8.01 15.46 32.02
N LYS E 214 7.68 16.63 31.48
CA LYS E 214 6.30 17.16 31.43
C LYS E 214 5.25 16.18 30.88
N PRO E 215 5.54 15.51 29.75
CA PRO E 215 4.54 14.61 29.14
C PRO E 215 4.06 13.47 30.04
N SER E 216 4.95 12.89 30.84
CA SER E 216 4.57 11.83 31.77
C SER E 216 4.15 12.43 33.12
N ASN E 217 4.35 13.74 33.23
CA ASN E 217 4.11 14.49 34.46
C ASN E 217 4.92 14.03 35.68
N THR E 218 6.12 13.49 35.44
CA THR E 218 6.98 12.96 36.49
C THR E 218 8.24 13.79 36.75
N LYS E 219 8.60 13.93 38.01
CA LYS E 219 9.88 14.51 38.40
C LYS E 219 10.69 13.41 39.05
N VAL E 220 11.99 13.43 38.82
CA VAL E 220 12.91 12.53 39.50
C VAL E 220 14.15 13.30 39.97
N ASP E 221 14.49 13.11 41.24
CA ASP E 221 15.75 13.56 41.82
C ASP E 221 16.61 12.33 42.12
N LYS E 222 17.89 12.40 41.79
CA LYS E 222 18.80 11.29 42.04
C LYS E 222 20.13 11.75 42.61
N LYS E 223 20.55 11.10 43.70
CA LYS E 223 21.81 11.43 44.36
C LYS E 223 22.97 10.68 43.73
N VAL E 224 23.95 11.45 43.29
CA VAL E 224 25.15 10.90 42.69
C VAL E 224 26.31 10.98 43.69
N GLU E 225 26.62 9.82 44.28
CA GLU E 225 27.70 9.69 45.24
C GLU E 225 28.86 8.91 44.62
N PRO E 226 30.09 9.14 45.10
CA PRO E 226 31.21 8.23 44.79
C PRO E 226 30.98 6.83 45.39
N LYS E 227 31.73 5.84 44.91
CA LYS E 227 31.61 4.48 45.41
C LYS E 227 32.94 4.00 46.01
N SER E 228 33.01 3.97 47.35
CA SER E 228 34.21 3.57 48.11
C SER E 228 34.69 2.15 47.76
N ASN F 2 9.02 -1.02 -25.91
CA ASN F 2 9.52 0.07 -24.99
C ASN F 2 9.35 1.48 -25.58
N LYS F 3 10.25 2.39 -25.22
CA LYS F 3 10.50 3.60 -26.03
C LYS F 3 11.85 4.21 -25.64
N ARG F 4 11.80 5.18 -24.73
CA ARG F 4 12.95 5.71 -24.05
C ARG F 4 12.96 5.19 -22.60
N LYS F 5 12.52 3.94 -22.43
CA LYS F 5 12.53 3.25 -21.15
C LYS F 5 13.91 2.62 -20.94
N ARG F 6 14.74 2.74 -21.96
CA ARG F 6 16.09 2.20 -21.98
C ARG F 6 17.03 3.04 -21.10
N ILE F 7 17.83 2.36 -20.28
CA ILE F 7 18.82 3.05 -19.43
C ILE F 7 20.23 2.59 -19.79
N HIS F 8 21.10 3.57 -20.04
CA HIS F 8 22.50 3.33 -20.38
C HIS F 8 23.34 3.45 -19.08
N ILE F 9 23.78 2.30 -18.55
CA ILE F 9 24.45 2.28 -17.24
C ILE F 9 25.97 2.41 -17.36
N GLY F 10 26.45 2.33 -18.59
CA GLY F 10 27.87 2.47 -18.90
C GLY F 10 28.12 2.31 -20.39
N PRO F 11 29.35 2.62 -20.83
CA PRO F 11 29.63 2.50 -22.25
C PRO F 11 29.39 1.06 -22.73
N GLY F 12 28.50 0.91 -23.71
CA GLY F 12 28.18 -0.40 -24.26
C GLY F 12 27.47 -1.34 -23.30
N ARG F 13 26.72 -0.79 -22.35
CA ARG F 13 25.85 -1.59 -21.49
C ARG F 13 24.53 -0.85 -21.25
N ALA F 14 23.43 -1.51 -21.59
CA ALA F 14 22.11 -0.90 -21.36
C ALA F 14 21.07 -1.93 -20.97
N PHE F 15 19.97 -1.44 -20.42
CA PHE F 15 18.85 -2.30 -20.06
C PHE F 15 17.55 -1.72 -20.59
N TYR F 16 16.54 -2.59 -20.70
CA TYR F 16 15.24 -2.25 -21.26
C TYR F 16 15.38 -1.74 -22.70
N THR F 17 16.11 -2.52 -23.50
CA THR F 17 16.39 -2.17 -24.89
C THR F 17 15.24 -2.53 -25.84
N THR F 18 14.33 -3.40 -25.38
CA THR F 18 13.19 -3.82 -26.23
C THR F 18 11.84 -3.80 -25.48
P PO4 G . -24.92 -1.28 -11.60
O1 PO4 G . -24.99 -1.11 -13.10
O2 PO4 G . -24.35 -0.01 -10.99
O3 PO4 G . -26.31 -1.53 -11.07
O4 PO4 G . -24.01 -2.44 -11.26
P PO4 H . -19.42 17.71 11.88
O1 PO4 H . -18.30 16.84 11.35
O2 PO4 H . -20.75 17.20 11.37
O3 PO4 H . -19.41 17.64 13.39
O4 PO4 H . -19.20 19.12 11.43
P PO4 I . -23.24 17.80 8.06
O1 PO4 I . -23.93 17.07 6.92
O2 PO4 I . -23.13 19.27 7.73
O3 PO4 I . -24.02 17.56 9.34
O4 PO4 I . -21.86 17.22 8.27
P PO4 J . 32.11 24.47 11.52
O1 PO4 J . 32.04 22.99 11.81
O2 PO4 J . 33.17 24.71 10.48
O3 PO4 J . 30.76 24.99 11.03
O4 PO4 J . 32.47 25.23 12.78
P PO4 K . 11.07 14.45 -22.56
O1 PO4 K . 11.73 14.63 -21.22
O2 PO4 K . 11.46 15.66 -23.38
O3 PO4 K . 9.57 14.37 -22.39
O4 PO4 K . 11.56 13.18 -23.25
P PO4 L . 6.04 -2.94 -22.11
O1 PO4 L . 6.05 -4.43 -22.39
O2 PO4 L . 5.21 -2.22 -23.15
O3 PO4 L . 5.41 -2.72 -20.76
O4 PO4 L . 7.47 -2.42 -22.11
#